data_7AGZ
#
_entry.id   7AGZ
#
_cell.length_a   54.030
_cell.length_b   82.090
_cell.length_c   160.210
_cell.angle_alpha   90.000
_cell.angle_beta   90.000
_cell.angle_gamma   90.000
#
_symmetry.space_group_name_H-M   'P 21 21 21'
#
loop_
_entity.id
_entity.type
_entity.pdbx_description
1 polymer 'Broad specificity amino-acid racemase'
2 non-polymer "PYRIDOXAL-5'-PHOSPHATE"
3 non-polymer GLYCEROL
4 non-polymer 'CHLORIDE ION'
5 water water
#
_entity_poly.entity_id   1
_entity_poly.type   'polypeptide(L)'
_entity_poly.pdbx_seq_one_letter_code
;APLHIDTALPDAAQIQQSNSWLEISLGQFQSNIEQFKSHMNANTKICAIMKADAYGNGIRGLMPTIIAQGIPCVGVASNA
EARAVRESGFKGELIRVRSASLSEMSSALDLNIEELIGTHQQALDLAELAKQSGKTLKVHIALNDGGMGRNGIDMTTEAG
KKEAVSIATQPSLSVVGIMTHFPNYNADEVRAKLAQFKESSTWLMQQANLKREEITLHVANSYTALNVPEAQLDMVRPGG
VLFGDLPTNPEYPSIVSFKTRVSSLHHLPKDSTVGYDSTFTTSRDSVLANLPVGYSDGYPRKMGNKAEVLINGQRAKVVG
VTSMNTTVVDVTEIKGVLPGQEVVLFGQQQKQSIAVSEMENNAELIFPELYTLWGTSNPRFYVKENLYFQ
;
_entity_poly.pdbx_strand_id   A,B
#
# COMPACT_ATOMS: atom_id res chain seq x y z
N ALA A 1 6.45 4.69 5.81
CA ALA A 1 5.19 5.39 6.13
C ALA A 1 5.18 6.74 5.44
N PRO A 2 3.99 7.30 5.18
CA PRO A 2 3.95 8.61 4.61
C PRO A 2 4.65 9.67 5.44
N LEU A 3 5.28 10.61 4.74
CA LEU A 3 6.02 11.71 5.39
C LEU A 3 5.02 12.76 5.89
N HIS A 4 3.87 12.82 5.24
CA HIS A 4 2.84 13.76 5.72
C HIS A 4 1.46 13.13 5.63
N ILE A 5 0.61 13.41 6.62
N ILE A 5 0.61 13.41 6.61
CA ILE A 5 -0.79 12.88 6.60
CA ILE A 5 -0.79 12.89 6.60
C ILE A 5 -1.67 14.02 6.07
C ILE A 5 -1.67 14.02 6.07
N ASP A 6 -2.13 13.90 4.81
CA ASP A 6 -2.97 14.96 4.17
C ASP A 6 -3.87 15.66 5.18
N THR A 7 -3.83 17.00 5.17
CA THR A 7 -4.64 17.75 6.14
C THR A 7 -6.12 17.81 5.77
N ALA A 8 -6.45 17.83 4.48
CA ALA A 8 -7.84 17.98 4.04
C ALA A 8 -8.54 16.64 3.96
N LEU A 9 -9.81 16.59 4.41
CA LEU A 9 -10.64 15.40 4.18
C LEU A 9 -11.33 15.51 2.83
N PRO A 10 -11.26 14.46 2.01
CA PRO A 10 -11.93 14.47 0.69
C PRO A 10 -13.39 14.88 0.83
N ASP A 11 -13.84 15.78 -0.06
CA ASP A 11 -15.24 16.17 -0.09
C ASP A 11 -16.09 15.37 -1.10
N ALA A 12 -17.40 15.65 -1.08
CA ALA A 12 -18.39 14.91 -1.86
C ALA A 12 -18.08 14.94 -3.36
N ALA A 13 -17.62 16.08 -3.85
CA ALA A 13 -17.30 16.22 -5.28
C ALA A 13 -16.12 15.32 -5.67
N GLN A 14 -15.18 15.14 -4.74
CA GLN A 14 -13.97 14.33 -4.92
C GLN A 14 -14.27 12.85 -5.14
N ILE A 15 -15.34 12.35 -4.54
CA ILE A 15 -15.65 10.92 -4.75
C ILE A 15 -15.95 10.66 -6.24
N GLN A 16 -16.33 11.65 -7.05
CA GLN A 16 -16.53 11.28 -8.47
C GLN A 16 -15.23 11.03 -9.21
N GLN A 17 -14.15 11.57 -8.75
CA GLN A 17 -12.86 11.32 -9.40
C GLN A 17 -12.18 10.10 -8.78
N SER A 18 -12.74 9.51 -7.74
CA SER A 18 -12.16 8.32 -7.12
C SER A 18 -12.48 7.06 -7.91
N ASN A 19 -11.45 6.27 -8.19
CA ASN A 19 -11.68 4.94 -8.78
C ASN A 19 -12.18 3.96 -7.73
N SER A 20 -11.62 4.00 -6.54
CA SER A 20 -11.91 3.12 -5.42
C SER A 20 -11.73 3.97 -4.17
N TRP A 21 -12.37 3.55 -3.09
CA TRP A 21 -12.31 4.37 -1.90
C TRP A 21 -12.72 3.56 -0.67
N LEU A 22 -12.38 4.12 0.48
CA LEU A 22 -12.80 3.59 1.76
C LEU A 22 -13.90 4.44 2.40
N GLU A 23 -14.89 3.76 2.96
CA GLU A 23 -15.90 4.41 3.77
C GLU A 23 -15.71 4.02 5.23
N ILE A 24 -15.53 4.99 6.11
CA ILE A 24 -15.21 4.75 7.52
C ILE A 24 -16.43 5.08 8.37
N SER A 25 -16.92 4.11 9.13
CA SER A 25 -18.10 4.34 9.98
C SER A 25 -17.77 4.99 11.31
N LEU A 26 -18.03 6.29 11.44
CA LEU A 26 -17.72 6.95 12.70
C LEU A 26 -18.66 6.43 13.80
N GLY A 27 -19.89 6.10 13.45
CA GLY A 27 -20.79 5.54 14.46
C GLY A 27 -20.33 4.20 14.98
N GLN A 28 -19.82 3.33 14.09
CA GLN A 28 -19.30 2.04 14.55
C GLN A 28 -18.06 2.24 15.41
N PHE A 29 -17.22 3.22 15.05
CA PHE A 29 -16.04 3.50 15.87
C PHE A 29 -16.46 3.91 17.29
N GLN A 30 -17.38 4.87 17.38
CA GLN A 30 -17.92 5.28 18.68
C GLN A 30 -18.47 4.09 19.48
N SER A 31 -19.26 3.23 18.82
CA SER A 31 -19.84 2.11 19.58
C SER A 31 -18.78 1.09 20.00
N ASN A 32 -17.73 0.90 19.22
CA ASN A 32 -16.66 0.01 19.65
C ASN A 32 -15.93 0.57 20.87
N ILE A 33 -15.66 1.87 20.87
CA ILE A 33 -15.02 2.50 22.02
C ILE A 33 -15.90 2.37 23.27
N GLU A 34 -17.19 2.66 23.11
CA GLU A 34 -18.06 2.59 24.30
C GLU A 34 -18.18 1.17 24.83
N GLN A 35 -18.24 0.18 23.93
CA GLN A 35 -18.31 -1.20 24.40
C GLN A 35 -17.03 -1.59 25.10
N PHE A 36 -15.89 -1.20 24.53
CA PHE A 36 -14.61 -1.50 25.18
C PHE A 36 -14.57 -0.89 26.58
N LYS A 37 -14.98 0.38 26.71
CA LYS A 37 -14.98 1.05 28.03
C LYS A 37 -15.73 0.23 29.06
N SER A 38 -16.84 -0.41 28.66
CA SER A 38 -17.69 -1.12 29.60
C SER A 38 -16.98 -2.30 30.25
N HIS A 39 -15.83 -2.74 29.70
CA HIS A 39 -15.14 -3.87 30.28
C HIS A 39 -13.90 -3.46 31.08
N MET A 40 -13.63 -2.15 31.17
CA MET A 40 -12.45 -1.63 31.87
C MET A 40 -12.77 -1.30 33.34
N ASN A 41 -11.86 -1.69 34.23
CA ASN A 41 -11.98 -1.34 35.65
C ASN A 41 -11.87 0.18 35.90
N ALA A 42 -12.43 0.62 37.04
CA ALA A 42 -12.40 2.04 37.43
C ALA A 42 -10.99 2.67 37.48
N ASN A 43 -9.97 1.91 37.77
CA ASN A 43 -8.64 2.53 38.02
C ASN A 43 -7.74 2.53 36.78
N THR A 44 -8.15 1.91 35.69
CA THR A 44 -7.26 1.96 34.53
C THR A 44 -7.68 3.10 33.61
N LYS A 45 -6.79 3.47 32.71
CA LYS A 45 -7.11 4.48 31.71
C LYS A 45 -6.74 3.97 30.32
N ILE A 46 -7.24 4.64 29.27
CA ILE A 46 -7.13 4.12 27.92
C ILE A 46 -6.12 4.93 27.13
N CYS A 47 -5.20 4.22 26.48
CA CYS A 47 -4.36 4.89 25.47
C CYS A 47 -4.74 4.29 24.12
N ALA A 48 -5.41 5.09 23.30
CA ALA A 48 -5.88 4.61 21.99
C ALA A 48 -4.69 4.47 21.04
N ILE A 49 -4.47 3.29 20.48
CA ILE A 49 -3.31 3.09 19.57
C ILE A 49 -3.78 3.44 18.16
N MET A 50 -3.12 4.43 17.58
N MET A 50 -3.13 4.44 17.58
CA MET A 50 -3.48 4.99 16.26
CA MET A 50 -3.48 4.98 16.25
C MET A 50 -2.30 4.99 15.30
C MET A 50 -2.29 5.00 15.31
N LYS A 51 -1.47 4.01 15.38
CA LYS A 51 -0.35 3.77 14.44
C LYS A 51 -0.90 3.38 13.07
N ALA A 52 -0.06 3.53 12.06
CA ALA A 52 -0.42 3.27 10.64
C ALA A 52 -1.66 4.09 10.28
N ASP A 53 -1.63 5.36 10.62
CA ASP A 53 -2.72 6.33 10.32
C ASP A 53 -4.05 5.75 10.80
N ALA A 54 -4.09 5.42 12.07
CA ALA A 54 -5.28 4.85 12.72
C ALA A 54 -5.72 3.54 12.05
N TYR A 55 -4.74 2.66 11.85
CA TYR A 55 -5.01 1.32 11.27
C TYR A 55 -5.68 1.45 9.89
N GLY A 56 -5.21 2.43 9.12
CA GLY A 56 -5.73 2.71 7.77
C GLY A 56 -6.98 3.56 7.79
N ASN A 57 -7.54 3.86 8.94
CA ASN A 57 -8.86 4.54 8.98
C ASN A 57 -8.72 6.07 8.96
N GLY A 58 -7.53 6.54 9.29
CA GLY A 58 -7.27 7.98 9.20
C GLY A 58 -7.30 8.71 10.53
N ILE A 59 -6.14 9.17 10.97
CA ILE A 59 -6.08 9.91 12.24
C ILE A 59 -6.93 11.18 12.20
N ARG A 60 -6.83 11.95 11.14
CA ARG A 60 -7.54 13.26 11.13
C ARG A 60 -9.06 13.11 11.18
N GLY A 61 -9.62 12.11 10.54
CA GLY A 61 -11.08 11.96 10.64
C GLY A 61 -11.57 11.29 11.93
N LEU A 62 -10.70 10.60 12.67
CA LEU A 62 -11.16 9.86 13.87
C LEU A 62 -10.82 10.61 15.15
N MET A 63 -9.87 11.53 15.10
CA MET A 63 -9.46 12.20 16.36
C MET A 63 -10.61 12.95 17.03
N PRO A 64 -11.59 13.57 16.36
CA PRO A 64 -12.71 14.17 17.07
C PRO A 64 -13.46 13.19 17.99
N THR A 65 -13.62 11.94 17.54
CA THR A 65 -14.29 10.92 18.37
C THR A 65 -13.40 10.58 19.57
N ILE A 66 -12.11 10.46 19.36
CA ILE A 66 -11.17 10.16 20.48
C ILE A 66 -11.27 11.27 21.53
N ILE A 67 -11.30 12.53 21.09
CA ILE A 67 -11.41 13.67 22.04
C ILE A 67 -12.79 13.71 22.71
N ALA A 68 -13.85 13.45 21.96
CA ALA A 68 -15.22 13.44 22.54
C ALA A 68 -15.40 12.34 23.58
N GLN A 69 -14.69 11.21 23.44
CA GLN A 69 -14.74 10.07 24.36
C GLN A 69 -13.84 10.28 25.59
N GLY A 70 -13.12 11.38 25.65
CA GLY A 70 -12.31 11.72 26.83
C GLY A 70 -11.12 10.81 26.99
N ILE A 71 -10.62 10.27 25.89
CA ILE A 71 -9.45 9.38 25.93
C ILE A 71 -8.23 10.21 26.31
N PRO A 72 -7.49 9.87 27.38
CA PRO A 72 -6.37 10.69 27.81
C PRO A 72 -5.00 10.49 27.15
N CYS A 73 -4.86 9.41 26.40
CA CYS A 73 -3.56 9.06 25.82
C CYS A 73 -3.79 8.49 24.42
N VAL A 74 -2.85 8.76 23.56
CA VAL A 74 -2.84 8.21 22.21
C VAL A 74 -1.43 7.67 21.94
N GLY A 75 -1.33 6.55 21.24
CA GLY A 75 -0.06 5.99 20.77
C GLY A 75 0.04 6.07 19.26
N VAL A 76 1.24 6.39 18.77
CA VAL A 76 1.51 6.45 17.34
C VAL A 76 2.84 5.77 17.04
N ALA A 77 3.14 5.61 15.76
CA ALA A 77 4.43 5.05 15.35
C ALA A 77 5.30 6.11 14.69
N SER A 78 4.83 6.78 13.64
CA SER A 78 5.64 7.72 12.84
C SER A 78 5.52 9.16 13.36
N ASN A 79 6.50 9.99 12.97
CA ASN A 79 6.40 11.43 13.26
C ASN A 79 5.21 12.09 12.58
N ALA A 80 4.88 11.66 11.35
CA ALA A 80 3.73 12.23 10.64
C ALA A 80 2.43 11.96 11.42
N GLU A 81 2.32 10.77 12.02
CA GLU A 81 1.16 10.45 12.86
C GLU A 81 1.12 11.32 14.11
N ALA A 82 2.26 11.49 14.77
CA ALA A 82 2.33 12.35 15.93
C ALA A 82 1.91 13.77 15.58
N ARG A 83 2.35 14.24 14.41
N ARG A 83 2.35 14.23 14.41
CA ARG A 83 2.01 15.62 13.96
CA ARG A 83 2.00 15.62 13.98
C ARG A 83 0.49 15.70 13.70
C ARG A 83 0.49 15.70 13.70
N ALA A 84 -0.08 14.69 13.05
CA ALA A 84 -1.53 14.71 12.78
C ALA A 84 -2.32 14.67 14.09
N VAL A 85 -1.84 13.92 15.06
CA VAL A 85 -2.52 13.87 16.34
C VAL A 85 -2.51 15.24 17.01
N ARG A 86 -1.34 15.88 17.09
CA ARG A 86 -1.30 17.20 17.71
C ARG A 86 -2.07 18.24 16.92
N GLU A 87 -2.05 18.16 15.58
CA GLU A 87 -2.80 19.13 14.77
C GLU A 87 -4.30 18.95 14.90
N SER A 88 -4.76 17.81 15.38
CA SER A 88 -6.20 17.64 15.62
C SER A 88 -6.69 18.34 16.87
N GLY A 89 -5.79 18.89 17.68
CA GLY A 89 -6.14 19.51 18.94
C GLY A 89 -5.98 18.65 20.16
N PHE A 90 -5.56 17.40 19.97
CA PHE A 90 -5.39 16.50 21.12
C PHE A 90 -4.30 17.03 22.04
N LYS A 91 -4.63 17.21 23.32
CA LYS A 91 -3.69 17.78 24.27
C LYS A 91 -3.31 16.81 25.40
N GLY A 92 -3.65 15.54 25.26
CA GLY A 92 -3.29 14.50 26.19
C GLY A 92 -1.88 13.97 26.03
N GLU A 93 -1.66 12.83 26.69
CA GLU A 93 -0.38 12.14 26.64
C GLU A 93 -0.23 11.50 25.25
N LEU A 94 0.96 11.62 24.68
CA LEU A 94 1.24 11.05 23.35
C LEU A 94 2.46 10.16 23.46
N ILE A 95 2.31 8.87 23.16
CA ILE A 95 3.43 7.94 23.27
C ILE A 95 3.77 7.33 21.91
N ARG A 96 5.03 7.00 21.71
CA ARG A 96 5.40 6.19 20.57
C ARG A 96 5.41 4.73 21.00
N VAL A 97 4.84 3.85 20.17
CA VAL A 97 4.73 2.42 20.49
C VAL A 97 5.80 1.57 19.81
N ARG A 98 6.86 2.19 19.26
CA ARG A 98 7.96 1.43 18.70
C ARG A 98 9.24 2.20 18.96
N SER A 99 10.36 1.45 18.91
CA SER A 99 11.67 2.07 18.81
C SER A 99 11.74 2.98 17.59
N ALA A 100 12.40 4.13 17.78
CA ALA A 100 12.54 5.11 16.71
C ALA A 100 13.97 5.59 16.63
N SER A 101 14.43 5.83 15.40
CA SER A 101 15.79 6.31 15.19
C SER A 101 16.03 7.66 15.87
N LEU A 102 17.30 7.93 16.18
CA LEU A 102 17.69 9.23 16.71
C LEU A 102 17.21 10.39 15.83
N SER A 103 17.36 10.25 14.50
CA SER A 103 16.92 11.34 13.65
C SER A 103 15.41 11.52 13.73
N GLU A 104 14.63 10.42 13.83
CA GLU A 104 13.20 10.56 14.07
C GLU A 104 12.91 11.25 15.39
N MET A 105 13.55 10.77 16.46
CA MET A 105 13.26 11.32 17.79
C MET A 105 13.61 12.80 17.85
N SER A 106 14.73 13.17 17.22
CA SER A 106 15.17 14.56 17.25
C SER A 106 14.18 15.46 16.53
N SER A 107 13.61 14.98 15.42
CA SER A 107 12.66 15.72 14.60
C SER A 107 11.34 15.92 15.31
N ALA A 108 11.07 15.11 16.33
CA ALA A 108 9.77 15.10 16.97
C ALA A 108 9.71 15.88 18.29
N LEU A 109 10.79 16.57 18.67
CA LEU A 109 10.83 17.20 20.00
C LEU A 109 9.68 18.17 20.23
N ASP A 110 9.26 18.90 19.20
CA ASP A 110 8.18 19.89 19.32
C ASP A 110 6.80 19.27 19.51
N LEU A 111 6.66 17.96 19.35
CA LEU A 111 5.37 17.30 19.43
C LEU A 111 5.03 16.77 20.82
N ASN A 112 5.98 16.80 21.76
CA ASN A 112 5.76 16.33 23.12
C ASN A 112 5.33 14.86 23.15
N ILE A 113 6.17 14.03 22.57
CA ILE A 113 5.95 12.60 22.46
C ILE A 113 6.83 11.91 23.48
N GLU A 114 6.29 10.90 24.15
CA GLU A 114 7.01 10.12 25.14
C GLU A 114 7.58 8.88 24.45
N GLU A 115 8.90 8.82 24.28
CA GLU A 115 9.50 7.73 23.53
C GLU A 115 9.55 6.41 24.33
N LEU A 116 9.78 5.31 23.62
CA LEU A 116 9.73 3.96 24.18
C LEU A 116 11.13 3.36 24.04
N ILE A 117 11.83 3.16 25.16
CA ILE A 117 13.24 2.77 25.03
C ILE A 117 13.50 1.44 25.71
N GLY A 118 14.39 0.66 25.10
CA GLY A 118 14.69 -0.67 25.56
C GLY A 118 16.18 -0.98 25.52
N THR A 119 17.00 0.04 25.29
CA THR A 119 18.47 -0.14 25.21
C THR A 119 19.19 1.04 25.83
N HIS A 120 20.43 0.77 26.31
CA HIS A 120 21.24 1.82 26.92
C HIS A 120 21.50 2.96 25.93
N GLN A 121 21.77 2.63 24.66
CA GLN A 121 22.07 3.68 23.69
C GLN A 121 20.89 4.61 23.47
N GLN A 122 19.66 4.07 23.47
CA GLN A 122 18.49 4.96 23.33
C GLN A 122 18.43 5.94 24.49
N ALA A 123 18.69 5.45 25.70
CA ALA A 123 18.66 6.32 26.87
C ALA A 123 19.73 7.39 26.75
N LEU A 124 20.93 6.99 26.35
CA LEU A 124 22.01 7.96 26.18
C LEU A 124 21.65 9.01 25.12
N ASP A 125 21.09 8.56 23.99
CA ASP A 125 20.75 9.49 22.91
C ASP A 125 19.68 10.47 23.36
N LEU A 126 18.63 10.00 24.04
CA LEU A 126 17.57 10.91 24.49
C LEU A 126 18.07 11.87 25.54
N ALA A 127 18.95 11.41 26.44
CA ALA A 127 19.53 12.32 27.42
C ALA A 127 20.29 13.43 26.73
N GLU A 128 20.98 13.13 25.64
CA GLU A 128 21.71 14.19 24.96
C GLU A 128 20.73 15.15 24.27
N LEU A 129 19.65 14.63 23.68
CA LEU A 129 18.62 15.52 23.14
C LEU A 129 18.03 16.40 24.23
N ALA A 130 17.84 15.85 25.43
CA ALA A 130 17.30 16.65 26.52
C ALA A 130 18.24 17.83 26.82
N LYS A 131 19.53 17.55 26.95
CA LYS A 131 20.49 18.61 27.22
C LYS A 131 20.48 19.64 26.10
N GLN A 132 20.49 19.19 24.85
CA GLN A 132 20.56 20.13 23.75
C GLN A 132 19.30 20.97 23.62
N SER A 133 18.15 20.44 24.02
CA SER A 133 16.91 21.17 23.93
C SER A 133 16.54 21.92 25.21
N GLY A 134 17.31 21.77 26.27
CA GLY A 134 16.92 22.51 27.45
C GLY A 134 15.61 22.02 28.05
N LYS A 135 15.40 20.71 28.11
CA LYS A 135 14.20 20.22 28.75
C LYS A 135 14.50 18.86 29.36
N THR A 136 13.55 18.33 30.12
CA THR A 136 13.63 16.96 30.67
C THR A 136 12.62 16.15 29.84
N LEU A 137 13.08 15.11 29.19
CA LEU A 137 12.21 14.35 28.26
C LEU A 137 11.60 13.18 29.02
N LYS A 138 10.35 12.89 28.72
CA LYS A 138 9.60 11.80 29.39
C LYS A 138 9.69 10.51 28.59
N VAL A 139 9.93 9.40 29.27
CA VAL A 139 10.12 8.13 28.51
C VAL A 139 9.40 6.97 29.20
N HIS A 140 9.11 5.97 28.38
CA HIS A 140 8.59 4.68 28.86
C HIS A 140 9.67 3.62 28.62
N ILE A 141 9.90 2.82 29.63
CA ILE A 141 10.90 1.72 29.50
C ILE A 141 10.15 0.45 29.08
N ALA A 142 10.60 -0.14 28.00
CA ALA A 142 10.02 -1.39 27.53
C ALA A 142 10.80 -2.58 28.11
N LEU A 143 10.08 -3.47 28.77
CA LEU A 143 10.66 -4.72 29.35
C LEU A 143 10.26 -5.91 28.49
N ASN A 144 11.08 -6.94 28.50
CA ASN A 144 10.81 -8.13 27.64
C ASN A 144 10.12 -9.29 28.39
N ASP A 145 9.43 -9.05 29.48
CA ASP A 145 8.72 -10.16 30.18
C ASP A 145 7.68 -10.84 29.29
N GLY A 146 7.05 -10.11 28.37
CA GLY A 146 6.10 -10.76 27.46
C GLY A 146 6.73 -11.65 26.42
N GLY A 147 8.00 -11.48 26.14
CA GLY A 147 8.68 -12.35 25.16
C GLY A 147 8.51 -11.93 23.72
N MET A 148 8.28 -10.65 23.45
CA MET A 148 8.18 -10.20 22.05
C MET A 148 9.57 -10.14 21.40
N GLY A 149 10.61 -9.93 22.20
CA GLY A 149 11.99 -9.78 21.67
C GLY A 149 12.08 -8.67 20.65
N ARG A 150 11.44 -7.55 20.93
CA ARG A 150 11.29 -6.48 19.92
C ARG A 150 11.83 -5.15 20.40
N ASN A 151 11.03 -4.40 21.14
CA ASN A 151 11.48 -3.04 21.55
C ASN A 151 12.02 -3.01 22.97
N GLY A 152 12.01 -4.15 23.69
CA GLY A 152 12.31 -4.08 25.12
C GLY A 152 13.70 -4.54 25.54
N ILE A 153 13.94 -4.42 26.83
CA ILE A 153 15.17 -4.92 27.50
C ILE A 153 14.85 -6.25 28.20
N ASP A 154 15.57 -7.28 27.83
CA ASP A 154 15.36 -8.58 28.50
C ASP A 154 16.08 -8.55 29.84
N MET A 155 15.43 -8.99 30.91
CA MET A 155 16.02 -8.95 32.26
C MET A 155 16.12 -10.35 32.86
N THR A 156 16.24 -11.37 32.02
CA THR A 156 16.38 -12.76 32.54
C THR A 156 17.85 -13.08 32.86
N THR A 157 18.76 -12.17 32.59
CA THR A 157 20.20 -12.34 32.86
C THR A 157 20.70 -11.13 33.63
N GLU A 158 21.88 -11.27 34.22
CA GLU A 158 22.47 -10.16 34.99
C GLU A 158 22.82 -9.02 34.03
N ALA A 159 23.26 -9.35 32.83
CA ALA A 159 23.58 -8.30 31.84
C ALA A 159 22.34 -7.46 31.56
N GLY A 160 21.23 -8.12 31.36
CA GLY A 160 19.98 -7.39 31.08
C GLY A 160 19.53 -6.53 32.24
N LYS A 161 19.60 -7.08 33.45
CA LYS A 161 19.22 -6.30 34.62
C LYS A 161 20.10 -5.06 34.74
N LYS A 162 21.40 -5.21 34.54
CA LYS A 162 22.31 -4.05 34.65
C LYS A 162 22.00 -3.03 33.55
N GLU A 163 21.66 -3.48 32.35
CA GLU A 163 21.34 -2.53 31.26
C GLU A 163 20.02 -1.83 31.62
N ALA A 164 19.07 -2.60 32.14
CA ALA A 164 17.80 -1.98 32.52
C ALA A 164 18.01 -0.88 33.57
N VAL A 165 18.86 -1.12 34.57
CA VAL A 165 19.11 -0.08 35.59
C VAL A 165 19.75 1.16 34.97
N SER A 166 20.67 0.95 34.05
CA SER A 166 21.32 2.08 33.36
C SER A 166 20.26 2.90 32.60
N ILE A 167 19.35 2.22 31.93
CA ILE A 167 18.30 2.93 31.16
C ILE A 167 17.46 3.82 32.10
N ALA A 168 17.13 3.31 33.28
CA ALA A 168 16.23 3.98 34.23
C ALA A 168 16.91 5.02 35.13
N THR A 169 18.22 5.13 35.06
CA THR A 169 18.95 6.06 35.96
C THR A 169 19.60 7.19 35.20
N GLN A 170 19.22 7.40 33.93
CA GLN A 170 19.87 8.46 33.10
C GLN A 170 19.37 9.84 33.55
N PRO A 171 20.27 10.80 33.84
CA PRO A 171 19.87 12.16 34.21
C PRO A 171 19.22 12.93 33.05
N SER A 172 18.52 14.03 33.35
CA SER A 172 17.80 14.84 32.33
C SER A 172 16.68 14.03 31.67
N LEU A 173 16.32 12.88 32.26
CA LEU A 173 15.24 12.03 31.70
C LEU A 173 14.22 11.76 32.82
N SER A 174 12.94 11.66 32.47
CA SER A 174 11.91 11.36 33.44
C SER A 174 11.23 10.07 33.00
N VAL A 175 11.37 9.00 33.79
CA VAL A 175 10.69 7.73 33.52
C VAL A 175 9.24 7.87 33.98
N VAL A 176 8.30 7.88 33.04
CA VAL A 176 6.89 8.01 33.36
C VAL A 176 6.13 6.71 33.21
N GLY A 177 6.72 5.71 32.57
CA GLY A 177 6.03 4.45 32.39
C GLY A 177 6.97 3.27 32.27
N ILE A 178 6.45 2.09 32.61
CA ILE A 178 7.15 0.83 32.41
C ILE A 178 6.15 -0.15 31.79
N MET A 179 6.55 -0.86 30.74
CA MET A 179 5.57 -1.62 29.97
C MET A 179 6.16 -2.95 29.48
N THR A 180 5.27 -3.86 29.07
CA THR A 180 5.67 -4.96 28.18
C THR A 180 4.51 -5.18 27.20
N HIS A 181 4.61 -6.25 26.40
CA HIS A 181 3.65 -6.55 25.33
C HIS A 181 3.67 -8.05 25.07
N PHE A 182 2.45 -8.64 24.78
CA PHE A 182 2.37 -10.10 24.65
C PHE A 182 2.22 -10.60 23.22
N PRO A 183 2.95 -11.67 22.82
CA PRO A 183 2.92 -12.20 21.47
C PRO A 183 1.81 -13.15 21.04
N ASN A 184 1.03 -13.64 22.01
CA ASN A 184 0.02 -14.67 21.67
C ASN A 184 -1.30 -14.41 22.40
N TYR A 185 -2.36 -14.95 21.84
CA TYR A 185 -3.72 -14.84 22.44
C TYR A 185 -3.96 -16.05 23.35
N ASN A 186 -3.02 -16.44 24.19
CA ASN A 186 -3.14 -17.50 25.20
C ASN A 186 -3.27 -16.87 26.60
N ALA A 187 -4.47 -16.88 27.15
CA ALA A 187 -4.69 -16.19 28.43
C ALA A 187 -3.79 -16.76 29.55
N ASP A 188 -3.56 -18.06 29.53
CA ASP A 188 -2.76 -18.68 30.57
C ASP A 188 -1.29 -18.25 30.43
N GLU A 189 -0.81 -18.13 29.20
CA GLU A 189 0.54 -17.65 29.01
C GLU A 189 0.64 -16.19 29.43
N VAL A 190 -0.33 -15.39 29.15
CA VAL A 190 -0.37 -13.99 29.56
C VAL A 190 -0.35 -13.88 31.09
N ARG A 191 -1.15 -14.66 31.75
CA ARG A 191 -1.15 -14.57 33.21
C ARG A 191 0.23 -14.90 33.80
N ALA A 192 0.91 -15.91 33.25
CA ALA A 192 2.23 -16.26 33.75
C ALA A 192 3.22 -15.13 33.50
N LYS A 193 3.16 -14.54 32.31
CA LYS A 193 4.10 -13.47 31.99
C LYS A 193 3.77 -12.19 32.73
N LEU A 194 2.48 -11.94 33.03
CA LEU A 194 2.10 -10.78 33.83
C LEU A 194 2.73 -10.85 35.22
N ALA A 195 2.69 -12.03 35.84
CA ALA A 195 3.29 -12.17 37.16
C ALA A 195 4.78 -11.86 37.10
N GLN A 196 5.45 -12.33 36.05
CA GLN A 196 6.88 -12.03 35.90
C GLN A 196 7.12 -10.52 35.69
N PHE A 197 6.29 -9.86 34.87
CA PHE A 197 6.39 -8.41 34.69
C PHE A 197 6.24 -7.66 36.02
N LYS A 198 5.29 -8.09 36.87
CA LYS A 198 5.16 -7.41 38.15
C LYS A 198 6.44 -7.52 38.95
N GLU A 199 7.05 -8.71 38.98
CA GLU A 199 8.33 -8.90 39.65
C GLU A 199 9.40 -7.99 39.06
N SER A 200 9.51 -8.04 37.72
CA SER A 200 10.63 -7.31 37.11
C SER A 200 10.47 -5.80 37.25
N SER A 201 9.27 -5.27 37.05
CA SER A 201 8.94 -3.85 37.19
C SER A 201 9.24 -3.38 38.62
N THR A 202 8.74 -4.17 39.58
CA THR A 202 8.95 -3.82 40.97
C THR A 202 10.45 -3.80 41.29
N TRP A 203 11.20 -4.79 40.83
CA TRP A 203 12.65 -4.80 41.05
C TRP A 203 13.30 -3.58 40.43
N LEU A 204 12.94 -3.25 39.17
CA LEU A 204 13.57 -2.11 38.50
C LEU A 204 13.26 -0.80 39.22
N MET A 205 12.01 -0.61 39.66
CA MET A 205 11.71 0.64 40.35
C MET A 205 12.48 0.76 41.65
N GLN A 206 12.65 -0.35 42.40
CA GLN A 206 13.47 -0.33 43.62
C GLN A 206 14.93 0.01 43.33
N GLN A 207 15.46 -0.62 42.41
CA GLN A 207 16.89 -0.45 42.16
C GLN A 207 17.17 0.90 41.48
N ALA A 208 16.31 1.49 40.78
CA ALA A 208 16.52 2.80 40.18
C ALA A 208 15.91 3.93 41.01
N ASN A 209 15.39 3.64 42.20
CA ASN A 209 14.74 4.61 43.11
C ASN A 209 13.63 5.42 42.44
N LEU A 210 12.81 4.73 41.67
CA LEU A 210 11.63 5.34 41.07
C LEU A 210 10.46 5.23 42.06
N LYS A 211 9.54 6.17 41.97
CA LYS A 211 8.39 6.19 42.86
C LYS A 211 7.21 5.61 42.12
N ARG A 212 6.70 4.49 42.63
CA ARG A 212 5.59 3.75 42.04
C ARG A 212 4.47 4.69 41.61
N GLU A 213 4.10 5.63 42.49
CA GLU A 213 2.95 6.56 42.28
C GLU A 213 3.13 7.44 41.04
N GLU A 214 4.37 7.58 40.56
CA GLU A 214 4.69 8.41 39.42
C GLU A 214 4.88 7.63 38.14
N ILE A 215 4.73 6.38 38.15
CA ILE A 215 4.97 5.46 37.05
C ILE A 215 3.66 4.85 36.60
N THR A 216 3.37 4.83 35.33
CA THR A 216 2.25 4.13 34.73
C THR A 216 2.73 2.74 34.28
N LEU A 217 2.21 1.68 34.89
CA LEU A 217 2.47 0.32 34.44
C LEU A 217 1.43 -0.04 33.40
N HIS A 218 1.89 -0.50 32.23
CA HIS A 218 0.94 -0.84 31.17
C HIS A 218 1.45 -2.01 30.33
N VAL A 219 0.60 -3.01 30.08
CA VAL A 219 1.01 -4.22 29.36
C VAL A 219 -0.02 -4.71 28.32
N ALA A 220 -1.27 -4.20 28.35
CA ALA A 220 -2.35 -4.86 27.64
C ALA A 220 -2.68 -4.24 26.28
N ASN A 221 -2.57 -5.06 25.24
CA ASN A 221 -3.20 -4.78 23.93
C ASN A 221 -4.69 -5.12 24.02
N SER A 222 -5.37 -5.06 22.86
CA SER A 222 -6.83 -5.30 22.78
C SER A 222 -7.19 -6.62 23.45
N TYR A 223 -6.54 -7.68 22.97
CA TYR A 223 -6.83 -9.02 23.46
C TYR A 223 -6.67 -9.10 24.94
N THR A 224 -5.53 -8.63 25.43
CA THR A 224 -5.19 -8.82 26.84
C THR A 224 -6.13 -8.01 27.71
N ALA A 225 -6.43 -6.78 27.30
CA ALA A 225 -7.29 -5.93 28.11
C ALA A 225 -8.67 -6.57 28.35
N LEU A 226 -9.21 -7.24 27.33
CA LEU A 226 -10.55 -7.84 27.42
C LEU A 226 -10.54 -9.23 28.02
N ASN A 227 -9.48 -10.02 27.78
CA ASN A 227 -9.48 -11.44 28.13
C ASN A 227 -8.63 -11.80 29.34
N VAL A 228 -7.80 -10.88 29.83
CA VAL A 228 -7.09 -11.05 31.09
C VAL A 228 -7.26 -9.76 31.88
N PRO A 229 -8.42 -9.51 32.48
CA PRO A 229 -8.67 -8.18 33.08
C PRO A 229 -7.72 -7.79 34.18
N GLU A 230 -7.12 -8.75 34.90
CA GLU A 230 -6.14 -8.41 35.91
C GLU A 230 -4.88 -7.78 35.31
N ALA A 231 -4.72 -7.83 33.99
CA ALA A 231 -3.60 -7.18 33.32
C ALA A 231 -3.89 -5.72 32.92
N GLN A 232 -5.04 -5.16 33.30
CA GLN A 232 -5.32 -3.78 32.92
C GLN A 232 -4.37 -2.77 33.59
N LEU A 233 -3.96 -3.01 34.85
CA LEU A 233 -2.97 -2.19 35.55
C LEU A 233 -3.34 -0.71 35.46
N ASP A 234 -2.40 0.20 35.22
CA ASP A 234 -2.68 1.64 35.23
C ASP A 234 -3.16 2.14 33.89
N MET A 235 -2.87 1.42 32.81
CA MET A 235 -3.27 1.91 31.50
C MET A 235 -3.32 0.72 30.55
N VAL A 236 -4.26 0.74 29.62
CA VAL A 236 -4.36 -0.26 28.56
C VAL A 236 -4.06 0.40 27.20
N ARG A 237 -3.64 -0.44 26.23
CA ARG A 237 -3.24 0.04 24.90
C ARG A 237 -4.04 -0.64 23.78
N PRO A 238 -5.35 -0.40 23.70
CA PRO A 238 -6.12 -1.03 22.62
C PRO A 238 -5.90 -0.35 21.28
N GLY A 239 -5.61 -1.14 20.24
CA GLY A 239 -5.70 -0.66 18.88
C GLY A 239 -6.82 -1.34 18.09
N GLY A 240 -6.51 -2.54 17.59
CA GLY A 240 -7.39 -3.25 16.67
C GLY A 240 -8.85 -3.32 17.10
N VAL A 241 -9.11 -3.59 18.39
CA VAL A 241 -10.51 -3.77 18.77
C VAL A 241 -11.31 -2.48 18.56
N LEU A 242 -10.68 -1.30 18.74
CA LEU A 242 -11.44 -0.07 18.52
C LEU A 242 -11.93 0.04 17.08
N PHE A 243 -11.11 -0.41 16.13
CA PHE A 243 -11.40 -0.39 14.71
C PHE A 243 -12.16 -1.61 14.26
N GLY A 244 -12.48 -2.52 15.21
CA GLY A 244 -13.20 -3.75 14.90
C GLY A 244 -12.40 -4.87 14.28
N ASP A 245 -11.12 -4.99 14.64
CA ASP A 245 -10.27 -6.11 14.23
C ASP A 245 -9.67 -6.81 15.45
N LEU A 246 -10.47 -7.53 16.21
CA LEU A 246 -9.92 -8.40 17.25
C LEU A 246 -10.50 -9.80 17.04
N PRO A 247 -9.73 -10.73 16.47
CA PRO A 247 -10.32 -12.00 16.04
C PRO A 247 -11.00 -12.80 17.16
N THR A 248 -10.52 -12.69 18.41
CA THR A 248 -11.07 -13.42 19.55
C THR A 248 -12.36 -12.86 20.07
N ASN A 249 -12.68 -11.63 19.68
CA ASN A 249 -13.79 -10.87 20.25
C ASN A 249 -14.52 -10.37 19.05
N PRO A 250 -15.26 -11.25 18.41
CA PRO A 250 -15.91 -10.85 17.21
C PRO A 250 -16.98 -9.87 17.45
N GLU A 251 -17.41 -9.52 18.67
CA GLU A 251 -18.44 -8.50 18.97
C GLU A 251 -18.07 -7.02 18.67
N TYR A 252 -16.90 -6.72 18.15
CA TYR A 252 -16.50 -5.40 17.65
C TYR A 252 -16.43 -5.39 16.14
N PRO A 253 -17.49 -4.96 15.43
CA PRO A 253 -17.48 -4.98 13.96
C PRO A 253 -16.45 -4.03 13.36
N SER A 254 -15.93 -4.41 12.19
CA SER A 254 -14.97 -3.55 11.49
C SER A 254 -15.64 -2.22 11.10
N ILE A 255 -14.87 -1.13 11.21
CA ILE A 255 -15.38 0.19 10.85
C ILE A 255 -15.12 0.55 9.39
N VAL A 256 -14.42 -0.30 8.65
CA VAL A 256 -13.99 0.04 7.28
C VAL A 256 -14.76 -0.78 6.24
N SER A 257 -15.12 -0.11 5.14
CA SER A 257 -15.61 -0.75 3.93
C SER A 257 -14.78 -0.22 2.77
N PHE A 258 -14.49 -1.11 1.81
CA PHE A 258 -13.70 -0.81 0.62
C PHE A 258 -14.61 -0.96 -0.59
N LYS A 259 -14.73 0.09 -1.40
CA LYS A 259 -15.71 0.14 -2.49
C LYS A 259 -15.10 0.57 -3.81
N THR A 260 -15.78 0.20 -4.90
CA THR A 260 -15.49 0.72 -6.24
C THR A 260 -16.82 0.84 -6.97
N ARG A 261 -16.76 0.95 -8.29
CA ARG A 261 -17.97 0.96 -9.11
C ARG A 261 -17.78 0.13 -10.34
N VAL A 262 -18.92 -0.27 -10.92
CA VAL A 262 -18.91 -0.94 -12.22
C VAL A 262 -18.59 0.11 -13.29
N SER A 263 -17.51 -0.08 -14.03
CA SER A 263 -17.16 0.88 -15.10
C SER A 263 -17.85 0.49 -16.41
N SER A 264 -17.80 -0.78 -16.73
CA SER A 264 -18.36 -1.25 -18.02
C SER A 264 -18.78 -2.73 -17.93
N LEU A 265 -19.65 -3.12 -18.85
CA LEU A 265 -20.20 -4.50 -18.92
C LEU A 265 -19.90 -5.06 -20.30
N HIS A 266 -19.20 -6.17 -20.33
CA HIS A 266 -18.65 -6.74 -21.55
C HIS A 266 -19.24 -8.13 -21.83
N HIS A 267 -19.68 -8.36 -23.06
CA HIS A 267 -20.17 -9.68 -23.44
C HIS A 267 -19.00 -10.50 -23.96
N LEU A 268 -18.77 -11.66 -23.36
CA LEU A 268 -17.64 -12.50 -23.78
C LEU A 268 -18.16 -13.91 -24.06
N PRO A 269 -17.91 -14.49 -25.23
CA PRO A 269 -18.45 -15.83 -25.50
C PRO A 269 -17.77 -16.94 -24.71
N LYS A 270 -18.44 -18.10 -24.70
CA LYS A 270 -17.87 -19.32 -24.13
C LYS A 270 -16.46 -19.56 -24.67
N ASP A 271 -15.61 -20.17 -23.84
CA ASP A 271 -14.22 -20.54 -24.21
C ASP A 271 -13.30 -19.35 -24.47
N SER A 272 -13.55 -18.24 -23.77
CA SER A 272 -12.77 -16.99 -23.78
C SER A 272 -11.89 -16.89 -22.55
N THR A 273 -10.60 -16.57 -22.73
CA THR A 273 -9.69 -16.38 -21.58
C THR A 273 -9.87 -15.01 -20.95
N VAL A 274 -9.56 -14.90 -19.64
CA VAL A 274 -9.60 -13.62 -18.95
C VAL A 274 -8.33 -13.41 -18.15
N GLY A 275 -7.71 -12.24 -18.34
CA GLY A 275 -6.66 -11.78 -17.45
C GLY A 275 -5.27 -12.29 -17.81
N TYR A 276 -4.28 -11.67 -17.18
CA TYR A 276 -2.90 -12.11 -17.35
C TYR A 276 -2.76 -13.59 -16.98
N ASP A 277 -1.90 -14.28 -17.72
CA ASP A 277 -1.62 -15.71 -17.58
C ASP A 277 -2.82 -16.60 -17.93
N SER A 278 -3.90 -16.02 -18.42
CA SER A 278 -5.09 -16.75 -18.90
C SER A 278 -5.51 -17.89 -17.97
N THR A 279 -5.66 -17.56 -16.69
CA THR A 279 -5.96 -18.50 -15.63
C THR A 279 -7.43 -18.87 -15.56
N PHE A 280 -8.29 -18.17 -16.31
CA PHE A 280 -9.72 -18.43 -16.32
C PHE A 280 -10.18 -18.47 -17.77
N THR A 281 -11.12 -19.38 -18.07
CA THR A 281 -11.73 -19.51 -19.39
C THR A 281 -13.23 -19.63 -19.15
N THR A 282 -13.99 -18.80 -19.85
CA THR A 282 -15.44 -18.86 -19.66
C THR A 282 -15.98 -20.22 -20.07
N SER A 283 -16.99 -20.70 -19.32
CA SER A 283 -17.62 -21.98 -19.60
C SER A 283 -19.00 -21.82 -20.22
N ARG A 284 -19.40 -20.59 -20.53
CA ARG A 284 -20.72 -20.24 -21.05
C ARG A 284 -20.57 -18.84 -21.60
N ASP A 285 -21.49 -18.44 -22.47
CA ASP A 285 -21.55 -17.03 -22.88
C ASP A 285 -21.82 -16.19 -21.62
N SER A 286 -21.03 -15.16 -21.44
CA SER A 286 -20.94 -14.43 -20.18
C SER A 286 -21.16 -12.93 -20.33
N VAL A 287 -21.53 -12.29 -19.23
CA VAL A 287 -21.46 -10.83 -19.13
C VAL A 287 -20.50 -10.55 -17.97
N LEU A 288 -19.42 -9.84 -18.26
CA LEU A 288 -18.40 -9.52 -17.27
C LEU A 288 -18.44 -8.03 -16.90
N ALA A 289 -18.37 -7.73 -15.61
CA ALA A 289 -18.24 -6.36 -15.10
C ALA A 289 -16.79 -6.00 -14.91
N ASN A 290 -16.40 -4.88 -15.49
CA ASN A 290 -15.03 -4.34 -15.43
C ASN A 290 -15.01 -3.30 -14.33
N LEU A 291 -14.18 -3.52 -13.29
CA LEU A 291 -14.07 -2.62 -12.16
C LEU A 291 -12.74 -1.94 -12.16
N PRO A 292 -12.64 -0.61 -11.94
CA PRO A 292 -11.36 0.10 -11.99
C PRO A 292 -10.59 0.06 -10.67
N VAL A 293 -10.44 -1.15 -10.12
CA VAL A 293 -9.65 -1.41 -8.91
C VAL A 293 -8.72 -2.59 -9.20
N GLY A 294 -7.51 -2.53 -8.65
CA GLY A 294 -6.60 -3.64 -8.79
C GLY A 294 -5.60 -3.72 -7.66
N TYR A 295 -4.51 -4.43 -7.90
CA TYR A 295 -3.61 -4.66 -6.75
C TYR A 295 -2.87 -3.40 -6.33
N SER A 296 -2.73 -2.41 -7.20
CA SER A 296 -2.12 -1.13 -6.81
C SER A 296 -2.99 -0.30 -5.88
N ASP A 297 -4.27 -0.66 -5.77
CA ASP A 297 -5.18 -0.06 -4.81
C ASP A 297 -5.26 -0.90 -3.56
N GLY A 298 -4.57 -2.03 -3.52
CA GLY A 298 -4.62 -2.92 -2.39
C GLY A 298 -5.61 -4.06 -2.49
N TYR A 299 -6.13 -4.37 -3.69
CA TYR A 299 -6.97 -5.54 -3.91
C TYR A 299 -6.07 -6.62 -4.53
N PRO A 300 -5.60 -7.62 -3.78
CA PRO A 300 -4.45 -8.42 -4.26
C PRO A 300 -4.74 -9.25 -5.51
N ARG A 301 -3.64 -9.57 -6.23
CA ARG A 301 -3.70 -10.46 -7.40
C ARG A 301 -4.36 -11.80 -7.08
N LYS A 302 -4.11 -12.35 -5.90
CA LYS A 302 -4.66 -13.66 -5.49
C LYS A 302 -6.17 -13.65 -5.31
N MET A 303 -6.82 -12.47 -5.25
CA MET A 303 -8.29 -12.48 -5.17
C MET A 303 -8.91 -13.12 -6.40
N GLY A 304 -8.27 -13.03 -7.55
CA GLY A 304 -8.84 -13.56 -8.77
C GLY A 304 -9.06 -15.07 -8.68
N ASN A 305 -10.22 -15.51 -9.16
CA ASN A 305 -10.69 -16.89 -9.19
C ASN A 305 -11.01 -17.43 -7.80
N LYS A 306 -11.00 -16.55 -6.81
CA LYS A 306 -11.34 -17.03 -5.45
C LYS A 306 -12.38 -16.13 -4.76
N ALA A 307 -12.18 -14.82 -4.84
CA ALA A 307 -13.05 -13.91 -4.10
C ALA A 307 -14.39 -13.65 -4.79
N GLU A 308 -15.34 -13.18 -3.97
CA GLU A 308 -16.57 -12.58 -4.47
C GLU A 308 -16.64 -11.13 -4.00
N VAL A 309 -17.32 -10.31 -4.81
CA VAL A 309 -17.66 -8.92 -4.51
C VAL A 309 -19.17 -8.83 -4.47
N LEU A 310 -19.67 -7.70 -3.93
CA LEU A 310 -21.12 -7.46 -3.86
C LEU A 310 -21.53 -6.38 -4.83
N ILE A 311 -22.49 -6.70 -5.73
CA ILE A 311 -23.01 -5.74 -6.69
C ILE A 311 -24.51 -5.84 -6.68
N ASN A 312 -25.19 -4.68 -6.56
CA ASN A 312 -26.67 -4.65 -6.52
C ASN A 312 -27.21 -5.66 -5.53
N GLY A 313 -26.53 -5.79 -4.40
CA GLY A 313 -26.91 -6.67 -3.28
C GLY A 313 -26.69 -8.15 -3.50
N GLN A 314 -25.99 -8.53 -4.58
CA GLN A 314 -25.79 -9.96 -4.90
C GLN A 314 -24.30 -10.29 -5.00
N ARG A 315 -23.89 -11.49 -4.59
CA ARG A 315 -22.46 -11.91 -4.64
C ARG A 315 -22.08 -12.22 -6.09
N ALA A 316 -20.88 -11.81 -6.51
CA ALA A 316 -20.43 -12.04 -7.91
C ALA A 316 -18.95 -12.44 -7.91
N LYS A 317 -18.58 -13.51 -8.63
CA LYS A 317 -17.20 -14.03 -8.58
C LYS A 317 -16.19 -13.22 -9.40
N VAL A 318 -15.03 -12.99 -8.76
CA VAL A 318 -13.91 -12.34 -9.46
C VAL A 318 -13.23 -13.40 -10.34
N VAL A 319 -13.09 -13.14 -11.65
CA VAL A 319 -12.54 -14.13 -12.57
C VAL A 319 -11.28 -13.59 -13.25
N GLY A 320 -10.31 -14.47 -13.38
CA GLY A 320 -8.99 -14.07 -13.83
C GLY A 320 -8.22 -13.39 -12.70
N VAL A 321 -6.89 -13.39 -12.84
CA VAL A 321 -5.98 -12.75 -11.83
C VAL A 321 -6.21 -11.23 -11.87
N THR A 322 -6.19 -10.60 -10.70
CA THR A 322 -6.43 -9.13 -10.59
C THR A 322 -5.26 -8.36 -11.21
N SER A 323 -5.56 -7.49 -12.18
N SER A 323 -5.56 -7.49 -12.18
CA SER A 323 -4.50 -6.67 -12.82
CA SER A 323 -4.49 -6.68 -12.82
C SER A 323 -4.06 -5.56 -11.85
C SER A 323 -4.11 -5.53 -11.89
N MET A 324 -3.11 -4.73 -12.28
CA MET A 324 -2.61 -3.62 -11.41
C MET A 324 -3.76 -2.65 -11.11
N ASN A 325 -4.59 -2.32 -12.09
CA ASN A 325 -5.62 -1.29 -11.96
C ASN A 325 -7.04 -1.71 -12.21
N THR A 326 -7.29 -2.97 -12.59
CA THR A 326 -8.59 -3.43 -13.06
C THR A 326 -8.88 -4.85 -12.57
N THR A 327 -10.17 -5.11 -12.24
CA THR A 327 -10.66 -6.41 -11.79
C THR A 327 -11.86 -6.74 -12.64
N VAL A 328 -12.00 -8.02 -12.99
CA VAL A 328 -13.11 -8.47 -13.82
C VAL A 328 -13.98 -9.44 -13.03
N VAL A 329 -15.30 -9.24 -13.10
CA VAL A 329 -16.24 -9.97 -12.26
C VAL A 329 -17.33 -10.57 -13.13
N ASP A 330 -17.73 -11.81 -12.84
CA ASP A 330 -18.77 -12.50 -13.63
C ASP A 330 -20.16 -12.11 -13.12
N VAL A 331 -20.92 -11.32 -13.92
CA VAL A 331 -22.27 -10.89 -13.54
C VAL A 331 -23.33 -11.53 -14.45
N THR A 332 -22.98 -12.64 -15.12
CA THR A 332 -23.91 -13.28 -16.05
C THR A 332 -25.28 -13.57 -15.43
N GLU A 333 -25.27 -14.05 -14.20
CA GLU A 333 -26.49 -14.46 -13.49
C GLU A 333 -26.88 -13.47 -12.40
N ILE A 334 -26.34 -12.25 -12.43
CA ILE A 334 -26.68 -11.22 -11.44
C ILE A 334 -27.67 -10.25 -12.09
N LYS A 335 -28.83 -10.04 -11.46
CA LYS A 335 -29.82 -9.20 -12.14
C LYS A 335 -29.73 -7.71 -11.83
N GLY A 336 -30.09 -6.88 -12.84
CA GLY A 336 -30.17 -5.48 -12.55
C GLY A 336 -28.85 -4.71 -12.63
N VAL A 337 -27.75 -5.35 -13.02
CA VAL A 337 -26.45 -4.67 -12.98
C VAL A 337 -26.29 -3.66 -14.11
N LEU A 338 -25.82 -2.47 -13.75
CA LEU A 338 -25.61 -1.34 -14.64
C LEU A 338 -24.29 -0.67 -14.37
N PRO A 339 -23.68 -0.05 -15.39
CA PRO A 339 -22.52 0.80 -15.14
C PRO A 339 -22.87 1.88 -14.15
N GLY A 340 -21.89 2.20 -13.31
CA GLY A 340 -22.02 3.23 -12.32
C GLY A 340 -22.46 2.71 -10.97
N GLN A 341 -22.94 1.47 -10.89
CA GLN A 341 -23.39 0.93 -9.59
C GLN A 341 -22.22 0.67 -8.66
N GLU A 342 -22.47 0.88 -7.38
CA GLU A 342 -21.46 0.67 -6.35
C GLU A 342 -21.15 -0.83 -6.15
N VAL A 343 -19.87 -1.14 -5.95
CA VAL A 343 -19.37 -2.48 -5.69
C VAL A 343 -18.69 -2.48 -4.34
N VAL A 344 -19.05 -3.42 -3.49
CA VAL A 344 -18.38 -3.60 -2.20
C VAL A 344 -17.34 -4.72 -2.32
N LEU A 345 -16.06 -4.34 -2.07
CA LEU A 345 -14.95 -5.27 -2.06
C LEU A 345 -14.73 -5.89 -0.69
N PHE A 346 -14.99 -5.14 0.37
CA PHE A 346 -14.99 -5.63 1.74
C PHE A 346 -16.02 -4.81 2.51
N GLY A 347 -16.88 -5.51 3.23
CA GLY A 347 -17.89 -4.79 3.98
C GLY A 347 -19.26 -5.36 3.70
N GLN A 348 -20.27 -4.55 4.00
CA GLN A 348 -21.68 -4.94 3.81
C GLN A 348 -22.35 -4.19 2.64
N GLN A 349 -23.19 -4.92 1.92
CA GLN A 349 -24.06 -4.33 0.92
C GLN A 349 -25.42 -5.02 1.02
N GLN A 350 -26.43 -4.27 1.41
CA GLN A 350 -27.76 -4.85 1.64
C GLN A 350 -27.61 -5.93 2.72
N LYS A 351 -28.03 -7.17 2.48
CA LYS A 351 -27.90 -8.20 3.53
C LYS A 351 -26.56 -8.92 3.44
N GLN A 352 -25.91 -8.97 2.29
CA GLN A 352 -24.67 -9.79 2.20
C GLN A 352 -23.48 -8.97 2.72
N SER A 353 -22.44 -9.64 3.22
CA SER A 353 -21.26 -8.95 3.73
C SER A 353 -20.11 -9.86 3.35
N ILE A 354 -19.03 -9.24 2.92
CA ILE A 354 -17.80 -9.98 2.66
C ILE A 354 -17.05 -9.94 3.98
N ALA A 355 -16.89 -11.12 4.59
CA ALA A 355 -16.27 -11.35 5.90
C ALA A 355 -14.76 -11.21 5.88
N VAL A 356 -14.20 -10.88 7.07
CA VAL A 356 -12.76 -10.87 7.22
C VAL A 356 -12.17 -12.23 6.86
N SER A 357 -12.82 -13.32 7.24
CA SER A 357 -12.27 -14.64 6.90
C SER A 357 -12.12 -14.84 5.39
N GLU A 358 -13.09 -14.35 4.58
CA GLU A 358 -12.96 -14.46 3.12
C GLU A 358 -11.76 -13.67 2.64
N MET A 359 -11.58 -12.45 3.14
CA MET A 359 -10.43 -11.66 2.69
C MET A 359 -9.14 -12.38 3.03
N GLU A 360 -9.04 -12.94 4.23
CA GLU A 360 -7.78 -13.55 4.63
C GLU A 360 -7.53 -14.82 3.83
N ASN A 361 -8.57 -15.65 3.65
CA ASN A 361 -8.38 -16.88 2.89
C ASN A 361 -8.05 -16.61 1.43
N ASN A 362 -8.74 -15.65 0.81
CA ASN A 362 -8.56 -15.35 -0.61
C ASN A 362 -7.24 -14.65 -0.88
N ALA A 363 -6.88 -13.65 -0.05
CA ALA A 363 -5.63 -12.91 -0.20
C ALA A 363 -4.40 -13.66 0.31
N GLU A 364 -4.58 -14.65 1.19
CA GLU A 364 -3.44 -15.30 1.88
C GLU A 364 -2.62 -14.26 2.64
N LEU A 365 -3.35 -13.43 3.41
CA LEU A 365 -2.81 -12.39 4.27
C LEU A 365 -3.61 -12.31 5.55
N ILE A 366 -3.04 -11.70 6.58
CA ILE A 366 -3.88 -11.34 7.72
C ILE A 366 -4.56 -9.99 7.45
N PHE A 367 -5.74 -9.77 8.06
CA PHE A 367 -6.58 -8.61 7.75
C PHE A 367 -5.82 -7.28 7.82
N PRO A 368 -4.99 -7.00 8.84
CA PRO A 368 -4.30 -5.69 8.89
C PRO A 368 -3.28 -5.49 7.76
N GLU A 369 -2.74 -6.56 7.17
CA GLU A 369 -1.89 -6.37 6.01
C GLU A 369 -2.67 -5.75 4.86
N LEU A 370 -3.94 -6.12 4.74
CA LEU A 370 -4.82 -5.50 3.74
C LEU A 370 -5.17 -4.06 4.13
N TYR A 371 -5.75 -3.87 5.32
CA TYR A 371 -6.37 -2.57 5.53
C TYR A 371 -5.38 -1.44 5.76
N THR A 372 -4.18 -1.73 6.27
CA THR A 372 -3.21 -0.63 6.43
C THR A 372 -2.79 -0.09 5.08
N LEU A 373 -2.69 -0.96 4.06
CA LEU A 373 -2.31 -0.50 2.72
C LEU A 373 -3.50 0.06 1.94
N TRP A 374 -4.71 -0.41 2.25
CA TRP A 374 -5.89 0.29 1.70
C TRP A 374 -5.84 1.76 2.08
N GLY A 375 -5.47 2.03 3.33
CA GLY A 375 -5.50 3.38 3.82
C GLY A 375 -4.45 4.31 3.24
N THR A 376 -3.29 3.77 2.84
CA THR A 376 -2.31 4.62 2.17
C THR A 376 -2.60 4.81 0.69
N SER A 377 -3.51 3.99 0.11
CA SER A 377 -3.65 3.91 -1.35
C SER A 377 -5.02 4.32 -1.84
N ASN A 378 -5.90 4.80 -0.98
CA ASN A 378 -7.24 5.16 -1.38
C ASN A 378 -7.73 6.28 -0.49
N PRO A 379 -8.60 7.16 -1.00
CA PRO A 379 -9.19 8.18 -0.13
C PRO A 379 -10.19 7.57 0.86
N ARG A 380 -10.33 8.25 1.97
CA ARG A 380 -11.25 7.84 3.04
C ARG A 380 -12.37 8.86 3.16
N PHE A 381 -13.61 8.37 3.15
CA PHE A 381 -14.81 9.14 3.35
C PHE A 381 -15.47 8.69 4.66
N TYR A 382 -15.83 9.65 5.48
CA TYR A 382 -16.33 9.50 6.86
C TYR A 382 -17.85 9.58 6.99
N VAL A 383 -18.47 8.44 7.26
CA VAL A 383 -19.93 8.38 7.39
C VAL A 383 -20.34 8.71 8.83
N LYS A 384 -21.22 9.68 8.98
CA LYS A 384 -21.75 10.23 10.25
C LYS A 384 -23.27 10.00 10.32
N GLU A 385 -23.81 9.65 11.48
CA GLU A 385 -25.25 9.32 11.66
C GLU A 385 -25.86 10.32 12.64
N ASN A 386 -27.03 10.87 12.33
CA ASN A 386 -27.64 11.84 13.31
C ASN A 386 -27.75 11.16 14.66
N ALA B 1 -6.98 4.25 -5.54
CA ALA B 1 -5.79 5.06 -5.87
C ALA B 1 -5.88 6.38 -5.14
N PRO B 2 -4.74 6.99 -4.84
CA PRO B 2 -4.77 8.32 -4.19
C PRO B 2 -5.53 9.35 -5.02
N LEU B 3 -6.22 10.27 -4.31
CA LEU B 3 -7.04 11.28 -5.02
C LEU B 3 -6.17 12.45 -5.48
N HIS B 4 -4.93 12.50 -5.02
CA HIS B 4 -4.01 13.63 -5.36
C HIS B 4 -2.58 13.19 -5.06
N ILE B 5 -1.65 13.51 -5.96
N ILE B 5 -1.65 13.51 -5.97
CA ILE B 5 -0.23 13.13 -5.77
CA ILE B 5 -0.23 13.13 -5.77
C ILE B 5 0.54 14.29 -5.14
C ILE B 5 0.54 14.29 -5.14
N ASP B 6 1.11 14.07 -3.95
CA ASP B 6 1.87 15.14 -3.24
C ASP B 6 2.69 15.98 -4.22
N THR B 7 2.39 17.28 -4.34
CA THR B 7 3.09 18.15 -5.26
C THR B 7 4.58 18.31 -4.98
N ALA B 8 5.01 18.27 -3.72
CA ALA B 8 6.41 18.51 -3.39
C ALA B 8 7.21 17.22 -3.45
N LEU B 9 8.42 17.29 -4.00
CA LEU B 9 9.28 16.13 -3.87
C LEU B 9 10.02 16.21 -2.54
N PRO B 10 9.97 15.17 -1.71
CA PRO B 10 10.73 15.14 -0.45
C PRO B 10 12.21 15.46 -0.59
N ASP B 11 12.72 16.32 0.29
CA ASP B 11 14.17 16.58 0.34
C ASP B 11 14.92 15.82 1.45
N ALA B 12 16.24 15.74 1.38
CA ALA B 12 17.17 15.05 2.31
C ALA B 12 16.83 15.14 3.79
N ALA B 13 16.51 16.32 4.32
CA ALA B 13 16.21 16.46 5.76
C ALA B 13 14.95 15.68 6.11
N GLN B 14 13.98 15.69 5.20
CA GLN B 14 12.72 14.95 5.34
C GLN B 14 13.02 13.44 5.34
N ILE B 15 14.07 13.02 4.65
CA ILE B 15 14.54 11.61 4.55
C ILE B 15 15.10 11.19 5.91
N GLN B 16 15.95 12.02 6.55
CA GLN B 16 16.59 11.68 7.85
C GLN B 16 15.49 11.48 8.91
N GLN B 17 14.30 12.04 8.68
CA GLN B 17 13.08 12.00 9.54
C GLN B 17 12.11 10.86 9.11
N SER B 18 12.36 10.19 8.01
CA SER B 18 11.40 9.15 7.56
C SER B 18 11.78 7.78 8.15
N ASN B 19 10.79 6.97 8.45
CA ASN B 19 11.10 5.66 9.00
C ASN B 19 11.68 4.74 7.91
N SER B 20 11.10 4.79 6.72
CA SER B 20 11.39 3.97 5.56
C SER B 20 11.19 4.85 4.34
N TRP B 21 11.85 4.50 3.25
CA TRP B 21 11.73 5.33 2.05
C TRP B 21 12.21 4.58 0.82
N LEU B 22 11.82 5.13 -0.34
CA LEU B 22 12.26 4.65 -1.65
C LEU B 22 13.29 5.60 -2.23
N GLU B 23 14.34 5.04 -2.80
CA GLU B 23 15.33 5.80 -3.56
C GLU B 23 15.15 5.40 -5.02
N ILE B 24 14.87 6.39 -5.88
CA ILE B 24 14.57 6.19 -7.30
C ILE B 24 15.76 6.68 -8.11
N SER B 25 16.33 5.78 -8.91
CA SER B 25 17.51 6.06 -9.72
C SER B 25 17.13 6.77 -11.01
N LEU B 26 17.28 8.09 -11.11
CA LEU B 26 16.92 8.79 -12.35
C LEU B 26 17.87 8.37 -13.47
N GLY B 27 19.15 8.13 -13.13
CA GLY B 27 20.07 7.68 -14.15
C GLY B 27 19.72 6.31 -14.72
N GLN B 28 19.27 5.39 -13.85
CA GLN B 28 18.86 4.07 -14.32
C GLN B 28 17.61 4.15 -15.19
N PHE B 29 16.67 5.03 -14.81
CA PHE B 29 15.46 5.24 -15.63
C PHE B 29 15.82 5.76 -17.01
N GLN B 30 16.70 6.76 -17.07
CA GLN B 30 17.20 7.28 -18.35
C GLN B 30 17.88 6.18 -19.18
N SER B 31 18.80 5.41 -18.57
CA SER B 31 19.49 4.34 -19.28
C SER B 31 18.51 3.30 -19.83
N ASN B 32 17.50 2.97 -19.02
CA ASN B 32 16.51 2.00 -19.50
C ASN B 32 15.72 2.53 -20.70
N ILE B 33 15.32 3.81 -20.65
CA ILE B 33 14.59 4.41 -21.78
C ILE B 33 15.45 4.39 -23.03
N GLU B 34 16.69 4.78 -22.89
CA GLU B 34 17.58 4.81 -24.05
C GLU B 34 17.83 3.41 -24.60
N GLN B 35 17.98 2.40 -23.73
CA GLN B 35 18.17 1.03 -24.20
C GLN B 35 16.94 0.53 -24.93
N PHE B 36 15.77 0.82 -24.37
CA PHE B 36 14.54 0.43 -25.03
C PHE B 36 14.44 1.04 -26.43
N LYS B 37 14.73 2.34 -26.53
CA LYS B 37 14.69 3.03 -27.81
C LYS B 37 15.53 2.33 -28.87
N SER B 38 16.69 1.79 -28.48
CA SER B 38 17.62 1.15 -29.39
C SER B 38 17.00 -0.02 -30.13
N HIS B 39 15.91 -0.58 -29.56
CA HIS B 39 15.28 -1.74 -30.17
C HIS B 39 14.01 -1.39 -30.93
N MET B 40 13.63 -0.12 -30.93
CA MET B 40 12.41 0.36 -31.61
C MET B 40 12.68 0.84 -33.02
N ASN B 41 11.81 0.52 -33.95
CA ASN B 41 12.00 1.14 -35.28
C ASN B 41 11.84 2.65 -35.20
N ALA B 42 12.60 3.38 -36.03
CA ALA B 42 12.57 4.85 -35.95
C ALA B 42 11.18 5.48 -35.98
N ASN B 43 10.25 4.95 -36.76
CA ASN B 43 9.07 5.82 -36.69
C ASN B 43 7.93 5.17 -35.90
N THR B 44 8.30 4.22 -35.04
CA THR B 44 7.31 3.71 -34.06
C THR B 44 7.28 4.68 -32.87
N LYS B 45 6.12 5.16 -32.52
CA LYS B 45 5.91 6.10 -31.39
C LYS B 45 5.97 5.38 -30.05
N ILE B 46 6.41 6.07 -29.02
CA ILE B 46 6.45 5.45 -27.67
C ILE B 46 5.46 6.14 -26.73
N CYS B 47 4.57 5.33 -26.17
CA CYS B 47 3.65 5.75 -25.14
C CYS B 47 4.15 5.26 -23.79
N ALA B 48 4.78 6.10 -22.97
CA ALA B 48 5.29 5.63 -21.70
C ALA B 48 4.15 5.38 -20.75
N ILE B 49 4.02 4.17 -20.23
CA ILE B 49 2.88 3.87 -19.37
C ILE B 49 3.26 4.16 -17.92
N MET B 50 2.51 5.06 -17.29
N MET B 50 2.50 5.08 -17.31
CA MET B 50 2.87 5.53 -15.95
CA MET B 50 2.83 5.66 -16.01
C MET B 50 1.70 5.41 -15.00
C MET B 50 1.74 5.39 -14.97
N LYS B 51 0.98 4.42 -15.14
CA LYS B 51 -0.14 4.09 -14.23
C LYS B 51 0.42 3.72 -12.85
N ALA B 52 -0.45 3.76 -11.85
CA ALA B 52 -0.08 3.53 -10.45
C ALA B 52 1.09 4.41 -10.01
N ASP B 53 0.95 5.70 -10.28
CA ASP B 53 1.93 6.73 -9.95
C ASP B 53 3.31 6.31 -10.43
N ALA B 54 3.36 6.04 -11.74
CA ALA B 54 4.59 5.57 -12.44
C ALA B 54 5.15 4.31 -11.77
N TYR B 55 4.28 3.34 -11.61
CA TYR B 55 4.70 2.04 -11.07
C TYR B 55 5.34 2.20 -9.71
N GLY B 56 4.78 3.09 -8.89
CA GLY B 56 5.28 3.36 -7.55
C GLY B 56 6.44 4.32 -7.52
N ASN B 57 7.01 4.64 -8.66
CA ASN B 57 8.22 5.47 -8.66
C ASN B 57 7.94 6.96 -8.64
N GLY B 58 6.71 7.39 -8.94
CA GLY B 58 6.34 8.77 -8.79
C GLY B 58 6.34 9.57 -10.07
N ILE B 59 5.13 9.89 -10.54
CA ILE B 59 4.97 10.67 -11.78
C ILE B 59 5.70 12.01 -11.71
N ARG B 60 5.56 12.73 -10.60
CA ARG B 60 6.10 14.10 -10.60
C ARG B 60 7.61 14.11 -10.70
N GLY B 61 8.27 13.15 -10.05
CA GLY B 61 9.73 13.10 -10.12
C GLY B 61 10.29 12.56 -11.43
N LEU B 62 9.49 11.81 -12.19
CA LEU B 62 9.99 11.20 -13.41
C LEU B 62 9.59 11.95 -14.67
N MET B 63 8.56 12.77 -14.63
CA MET B 63 8.16 13.44 -15.87
C MET B 63 9.24 14.28 -16.52
N PRO B 64 10.14 14.99 -15.81
CA PRO B 64 11.16 15.77 -16.55
C PRO B 64 12.00 14.86 -17.43
N THR B 65 12.23 13.62 -17.00
CA THR B 65 12.96 12.69 -17.85
C THR B 65 12.15 12.30 -19.09
N ILE B 66 10.84 11.99 -18.93
CA ILE B 66 9.98 11.66 -20.07
C ILE B 66 9.98 12.80 -21.09
N ILE B 67 9.86 14.04 -20.62
CA ILE B 67 9.88 15.21 -21.50
C ILE B 67 11.23 15.37 -22.18
N ALA B 68 12.31 15.25 -21.40
CA ALA B 68 13.66 15.40 -21.95
C ALA B 68 13.94 14.38 -23.03
N GLN B 69 13.40 13.17 -22.89
CA GLN B 69 13.54 12.08 -23.86
C GLN B 69 12.62 12.23 -25.06
N GLY B 70 11.79 13.26 -25.10
CA GLY B 70 10.92 13.52 -26.24
C GLY B 70 9.83 12.48 -26.46
N ILE B 71 9.42 11.81 -25.39
CA ILE B 71 8.33 10.83 -25.49
C ILE B 71 7.04 11.55 -25.81
N PRO B 72 6.30 11.12 -26.87
CA PRO B 72 5.15 11.90 -27.37
C PRO B 72 3.83 11.60 -26.68
N CYS B 73 3.76 10.48 -25.96
CA CYS B 73 2.52 9.95 -25.40
C CYS B 73 2.78 9.38 -24.01
N VAL B 74 1.82 9.55 -23.09
CA VAL B 74 1.87 8.96 -21.75
C VAL B 74 0.54 8.28 -21.51
N GLY B 75 0.58 7.12 -20.85
CA GLY B 75 -0.63 6.42 -20.43
C GLY B 75 -0.74 6.46 -18.92
N VAL B 76 -1.97 6.65 -18.43
CA VAL B 76 -2.26 6.67 -17.00
C VAL B 76 -3.52 5.86 -16.74
N ALA B 77 -3.82 5.67 -15.45
CA ALA B 77 -5.05 5.00 -15.02
C ALA B 77 -6.01 5.96 -14.34
N SER B 78 -5.59 6.67 -13.28
CA SER B 78 -6.50 7.51 -12.50
C SER B 78 -6.51 8.96 -12.98
N ASN B 79 -7.57 9.68 -12.58
CA ASN B 79 -7.61 11.11 -12.86
C ASN B 79 -6.48 11.87 -12.15
N ALA B 80 -6.14 11.47 -10.92
CA ALA B 80 -5.06 12.15 -10.21
C ALA B 80 -3.74 12.02 -10.95
N GLU B 81 -3.51 10.84 -11.55
CA GLU B 81 -2.30 10.63 -12.36
C GLU B 81 -2.31 11.51 -13.60
N ALA B 82 -3.46 11.59 -14.29
CA ALA B 82 -3.57 12.45 -15.46
C ALA B 82 -3.26 13.91 -15.09
N ARG B 83 -3.78 14.37 -13.94
CA ARG B 83 -3.51 15.70 -13.45
C ARG B 83 -2.02 15.92 -13.18
N ALA B 84 -1.36 14.96 -12.55
CA ALA B 84 0.07 15.08 -12.25
C ALA B 84 0.86 15.19 -13.55
N VAL B 85 0.46 14.43 -14.58
CA VAL B 85 1.14 14.51 -15.86
C VAL B 85 0.98 15.89 -16.46
N ARG B 86 -0.24 16.40 -16.52
CA ARG B 86 -0.44 17.72 -17.10
C ARG B 86 0.27 18.82 -16.30
N GLU B 87 0.30 18.71 -14.96
CA GLU B 87 0.96 19.71 -14.10
C GLU B 87 2.48 19.71 -14.27
N SER B 88 3.06 18.64 -14.82
CA SER B 88 4.48 18.56 -15.18
C SER B 88 4.83 19.43 -16.37
N GLY B 89 3.83 19.92 -17.09
CA GLY B 89 4.06 20.62 -18.33
C GLY B 89 3.92 19.78 -19.56
N PHE B 90 3.62 18.48 -19.43
CA PHE B 90 3.52 17.60 -20.59
C PHE B 90 2.39 18.03 -21.52
N LYS B 91 2.71 18.26 -22.78
CA LYS B 91 1.71 18.72 -23.78
C LYS B 91 1.49 17.70 -24.87
N GLY B 92 2.00 16.51 -24.65
CA GLY B 92 1.74 15.42 -25.57
C GLY B 92 0.40 14.74 -25.40
N GLU B 93 0.28 13.58 -26.07
CA GLU B 93 -0.92 12.75 -26.03
C GLU B 93 -1.02 12.08 -24.67
N LEU B 94 -2.22 12.06 -24.07
CA LEU B 94 -2.44 11.43 -22.77
C LEU B 94 -3.57 10.43 -22.95
N ILE B 95 -3.28 9.14 -22.72
CA ILE B 95 -4.30 8.10 -22.89
C ILE B 95 -4.59 7.43 -21.54
N ARG B 96 -5.82 6.96 -21.37
CA ARG B 96 -6.12 6.12 -20.23
C ARG B 96 -5.99 4.66 -20.66
N VAL B 97 -5.33 3.85 -19.83
CA VAL B 97 -5.09 2.47 -20.22
C VAL B 97 -6.07 1.49 -19.59
N ARG B 98 -7.19 1.99 -19.04
CA ARG B 98 -8.21 1.10 -18.53
C ARG B 98 -9.56 1.72 -18.79
N SER B 99 -10.59 0.88 -18.76
CA SER B 99 -11.97 1.31 -18.62
C SER B 99 -12.12 2.23 -17.40
N ALA B 100 -12.89 3.32 -17.55
CA ALA B 100 -13.12 4.25 -16.46
C ALA B 100 -14.59 4.59 -16.38
N SER B 101 -15.10 4.75 -15.16
CA SER B 101 -16.49 5.10 -14.99
C SER B 101 -16.83 6.45 -15.62
N LEU B 102 -18.11 6.60 -15.95
CA LEU B 102 -18.60 7.88 -16.46
C LEU B 102 -18.29 9.03 -15.49
N SER B 103 -18.42 8.81 -14.18
CA SER B 103 -18.04 9.77 -13.14
C SER B 103 -16.62 10.31 -13.35
N GLU B 104 -15.72 9.33 -13.48
CA GLU B 104 -14.30 9.59 -13.70
C GLU B 104 -14.07 10.33 -15.03
N MET B 105 -14.66 9.81 -16.11
CA MET B 105 -14.41 10.40 -17.41
C MET B 105 -14.92 11.85 -17.48
N SER B 106 -16.09 12.10 -16.89
CA SER B 106 -16.70 13.42 -16.96
C SER B 106 -15.91 14.46 -16.18
N SER B 107 -15.36 14.09 -15.02
CA SER B 107 -14.62 15.03 -14.18
C SER B 107 -13.22 15.34 -14.73
N ALA B 108 -12.76 14.61 -15.74
CA ALA B 108 -11.40 14.74 -16.30
C ALA B 108 -11.34 15.55 -17.60
N LEU B 109 -12.45 16.17 -18.04
CA LEU B 109 -12.48 16.78 -19.37
C LEU B 109 -11.37 17.79 -19.63
N ASP B 110 -11.01 18.60 -18.61
CA ASP B 110 -10.01 19.62 -18.88
C ASP B 110 -8.61 19.05 -19.03
N LEU B 111 -8.40 17.78 -18.77
CA LEU B 111 -7.08 17.17 -18.86
C LEU B 111 -6.82 16.55 -20.22
N ASN B 112 -7.84 16.54 -21.09
CA ASN B 112 -7.74 16.06 -22.47
C ASN B 112 -7.11 14.67 -22.52
N ILE B 113 -7.79 13.75 -21.85
CA ILE B 113 -7.45 12.32 -21.86
C ILE B 113 -8.16 11.64 -23.02
N GLU B 114 -7.45 10.75 -23.68
CA GLU B 114 -8.06 9.90 -24.73
C GLU B 114 -8.49 8.61 -24.06
N GLU B 115 -9.81 8.41 -23.94
CA GLU B 115 -10.32 7.25 -23.22
C GLU B 115 -10.25 5.97 -24.05
N LEU B 116 -10.39 4.83 -23.35
CA LEU B 116 -10.25 3.48 -23.89
C LEU B 116 -11.57 2.76 -23.75
N ILE B 117 -12.24 2.49 -24.87
CA ILE B 117 -13.60 1.96 -24.82
C ILE B 117 -13.71 0.64 -25.55
N GLY B 118 -14.57 -0.24 -25.01
CA GLY B 118 -14.79 -1.59 -25.51
C GLY B 118 -16.24 -2.03 -25.50
N THR B 119 -17.18 -1.10 -25.25
CA THR B 119 -18.61 -1.43 -25.20
C THR B 119 -19.44 -0.30 -25.80
N HIS B 120 -20.62 -0.67 -26.31
CA HIS B 120 -21.52 0.32 -26.89
C HIS B 120 -21.91 1.37 -25.85
N GLN B 121 -22.18 0.97 -24.59
CA GLN B 121 -22.60 1.96 -23.60
C GLN B 121 -21.51 2.99 -23.34
N GLN B 122 -20.22 2.56 -23.35
CA GLN B 122 -19.16 3.55 -23.17
C GLN B 122 -19.17 4.54 -24.33
N ALA B 123 -19.36 4.03 -25.55
CA ALA B 123 -19.41 4.93 -26.71
C ALA B 123 -20.57 5.91 -26.61
N LEU B 124 -21.77 5.42 -26.22
CA LEU B 124 -22.93 6.29 -26.05
C LEU B 124 -22.67 7.35 -24.97
N ASP B 125 -22.09 6.93 -23.82
CA ASP B 125 -21.84 7.88 -22.74
C ASP B 125 -20.84 8.95 -23.17
N LEU B 126 -19.75 8.56 -23.84
CA LEU B 126 -18.77 9.57 -24.27
C LEU B 126 -19.36 10.47 -25.36
N ALA B 127 -20.17 9.91 -26.27
CA ALA B 127 -20.80 10.77 -27.28
C ALA B 127 -21.66 11.85 -26.61
N GLU B 128 -22.37 11.50 -25.54
CA GLU B 128 -23.18 12.48 -24.81
C GLU B 128 -22.32 13.49 -24.07
N LEU B 129 -21.23 13.02 -23.46
CA LEU B 129 -20.28 13.93 -22.81
C LEU B 129 -19.68 14.91 -23.80
N ALA B 130 -19.39 14.42 -25.02
CA ALA B 130 -18.86 15.29 -26.06
C ALA B 130 -19.86 16.38 -26.41
N LYS B 131 -21.12 15.97 -26.63
CA LYS B 131 -22.19 16.94 -27.00
C LYS B 131 -22.44 17.93 -25.85
N GLN B 132 -22.07 17.54 -24.62
CA GLN B 132 -22.34 18.42 -23.45
C GLN B 132 -21.18 19.40 -23.27
N SER B 133 -19.97 19.01 -23.70
CA SER B 133 -18.77 19.86 -23.50
C SER B 133 -18.44 20.63 -24.78
N GLY B 134 -19.18 20.39 -25.87
CA GLY B 134 -18.85 21.02 -27.13
C GLY B 134 -17.45 20.63 -27.55
N LYS B 135 -17.05 19.39 -27.29
CA LYS B 135 -15.73 19.00 -27.80
C LYS B 135 -15.92 17.77 -28.67
N THR B 136 -14.86 17.34 -29.33
CA THR B 136 -14.91 16.12 -30.08
C THR B 136 -14.00 15.28 -29.21
N LEU B 137 -14.49 14.19 -28.65
CA LEU B 137 -13.60 13.47 -27.77
C LEU B 137 -12.87 12.42 -28.55
N LYS B 138 -11.61 12.25 -28.23
CA LYS B 138 -10.75 11.30 -28.91
C LYS B 138 -10.75 10.01 -28.12
N VAL B 139 -10.93 8.88 -28.82
CA VAL B 139 -11.01 7.59 -28.13
C VAL B 139 -10.15 6.56 -28.87
N HIS B 140 -9.75 5.54 -28.10
CA HIS B 140 -9.11 4.32 -28.58
C HIS B 140 -10.10 3.18 -28.41
N ILE B 141 -10.27 2.36 -29.45
CA ILE B 141 -11.14 1.18 -29.36
C ILE B 141 -10.30 -0.02 -28.98
N ALA B 142 -10.65 -0.64 -27.88
CA ALA B 142 -9.99 -1.85 -27.43
C ALA B 142 -10.65 -3.06 -28.05
N LEU B 143 -9.88 -3.89 -28.76
CA LEU B 143 -10.33 -5.14 -29.35
C LEU B 143 -9.79 -6.30 -28.53
N ASN B 144 -10.52 -7.43 -28.52
CA ASN B 144 -10.13 -8.58 -27.73
C ASN B 144 -9.31 -9.65 -28.47
N ASP B 145 -8.65 -9.31 -29.57
CA ASP B 145 -7.84 -10.31 -30.25
C ASP B 145 -6.73 -10.88 -29.36
N GLY B 146 -6.22 -10.08 -28.42
CA GLY B 146 -5.20 -10.62 -27.53
C GLY B 146 -5.73 -11.61 -26.51
N GLY B 147 -7.05 -11.60 -26.26
CA GLY B 147 -7.62 -12.54 -25.32
C GLY B 147 -7.49 -12.16 -23.86
N MET B 148 -7.32 -10.86 -23.54
CA MET B 148 -7.34 -10.40 -22.15
C MET B 148 -8.72 -10.49 -21.53
N GLY B 149 -9.78 -10.41 -22.34
CA GLY B 149 -11.14 -10.43 -21.77
C GLY B 149 -11.38 -9.37 -20.74
N ARG B 150 -10.88 -8.13 -20.99
CA ARG B 150 -10.79 -7.10 -19.94
C ARG B 150 -11.46 -5.81 -20.42
N ASN B 151 -10.71 -4.94 -21.12
CA ASN B 151 -11.29 -3.67 -21.53
C ASN B 151 -11.90 -3.67 -22.94
N GLY B 152 -11.73 -4.76 -23.72
CA GLY B 152 -12.02 -4.75 -25.13
C GLY B 152 -13.35 -5.33 -25.56
N ILE B 153 -13.65 -5.15 -26.84
CA ILE B 153 -14.80 -5.79 -27.49
C ILE B 153 -14.38 -7.06 -28.19
N ASP B 154 -14.98 -8.17 -27.80
CA ASP B 154 -14.76 -9.44 -28.48
C ASP B 154 -15.57 -9.48 -29.77
N MET B 155 -14.89 -9.87 -30.88
CA MET B 155 -15.50 -9.84 -32.21
C MET B 155 -15.60 -11.24 -32.81
N THR B 156 -15.58 -12.29 -31.98
CA THR B 156 -15.63 -13.63 -32.54
C THR B 156 -17.04 -14.09 -32.88
N THR B 157 -18.06 -13.30 -32.56
CA THR B 157 -19.43 -13.63 -32.93
C THR B 157 -20.02 -12.47 -33.73
N GLU B 158 -21.11 -12.76 -34.47
CA GLU B 158 -21.85 -11.72 -35.20
C GLU B 158 -22.21 -10.55 -34.31
N ALA B 159 -22.73 -10.85 -33.12
CA ALA B 159 -23.16 -9.78 -32.22
C ALA B 159 -21.98 -8.91 -31.81
N GLY B 160 -20.81 -9.51 -31.57
CA GLY B 160 -19.64 -8.71 -31.21
C GLY B 160 -19.15 -7.83 -32.35
N LYS B 161 -19.14 -8.38 -33.57
CA LYS B 161 -18.75 -7.58 -34.72
C LYS B 161 -19.68 -6.39 -34.89
N LYS B 162 -21.00 -6.62 -34.76
CA LYS B 162 -21.95 -5.52 -34.84
C LYS B 162 -21.71 -4.49 -33.74
N GLU B 163 -21.45 -4.94 -32.51
CA GLU B 163 -21.20 -3.98 -31.45
C GLU B 163 -19.94 -3.17 -31.73
N ALA B 164 -18.88 -3.81 -32.26
CA ALA B 164 -17.67 -3.07 -32.59
C ALA B 164 -17.95 -1.98 -33.61
N VAL B 165 -18.74 -2.28 -34.65
CA VAL B 165 -19.02 -1.21 -35.61
C VAL B 165 -19.83 -0.10 -34.96
N SER B 166 -20.75 -0.42 -34.05
CA SER B 166 -21.50 0.62 -33.37
C SER B 166 -20.59 1.48 -32.50
N ILE B 167 -19.59 0.88 -31.87
CA ILE B 167 -18.64 1.67 -31.08
C ILE B 167 -17.92 2.67 -31.99
N ALA B 168 -17.49 2.23 -33.17
CA ALA B 168 -16.64 2.96 -34.08
C ALA B 168 -17.36 4.03 -34.90
N THR B 169 -18.69 4.09 -34.82
CA THR B 169 -19.43 5.05 -35.69
C THR B 169 -20.25 6.08 -34.90
N GLN B 170 -19.90 6.34 -33.64
CA GLN B 170 -20.73 7.26 -32.80
C GLN B 170 -20.48 8.73 -33.21
N PRO B 171 -21.51 9.60 -33.21
CA PRO B 171 -21.32 11.02 -33.52
C PRO B 171 -20.59 11.83 -32.46
N SER B 172 -19.87 12.88 -32.87
N SER B 172 -19.87 12.88 -32.87
CA SER B 172 -19.13 13.74 -31.90
CA SER B 172 -19.12 13.74 -31.91
C SER B 172 -17.98 12.96 -31.24
C SER B 172 -17.99 12.95 -31.23
N LEU B 173 -17.55 11.87 -31.87
CA LEU B 173 -16.43 11.05 -31.31
C LEU B 173 -15.37 10.94 -32.40
N SER B 174 -14.09 10.99 -32.01
CA SER B 174 -12.98 10.83 -32.99
C SER B 174 -12.20 9.55 -32.65
N VAL B 175 -12.34 8.50 -33.47
CA VAL B 175 -11.54 7.31 -33.18
C VAL B 175 -10.10 7.57 -33.64
N VAL B 176 -9.18 7.67 -32.68
CA VAL B 176 -7.78 7.95 -32.99
C VAL B 176 -6.91 6.71 -32.84
N GLY B 177 -7.40 5.64 -32.23
CA GLY B 177 -6.58 4.46 -32.08
C GLY B 177 -7.41 3.20 -32.04
N ILE B 178 -6.79 2.09 -32.40
CA ILE B 178 -7.39 0.76 -32.27
C ILE B 178 -6.29 -0.12 -31.68
N MET B 179 -6.61 -0.88 -30.63
CA MET B 179 -5.54 -1.53 -29.85
C MET B 179 -5.99 -2.90 -29.40
N THR B 180 -5.02 -3.72 -28.99
CA THR B 180 -5.31 -4.88 -28.14
C THR B 180 -4.16 -4.98 -27.15
N HIS B 181 -4.15 -6.05 -26.38
CA HIS B 181 -3.19 -6.26 -25.29
C HIS B 181 -3.05 -7.76 -25.07
N PHE B 182 -1.83 -8.23 -24.78
CA PHE B 182 -1.60 -9.68 -24.66
C PHE B 182 -1.40 -10.17 -23.23
N PRO B 183 -2.00 -11.32 -22.84
CA PRO B 183 -1.88 -11.81 -21.48
C PRO B 183 -0.68 -12.68 -21.10
N ASN B 184 0.07 -13.15 -22.09
CA ASN B 184 1.13 -14.13 -21.82
C ASN B 184 2.41 -13.76 -22.55
N TYR B 185 3.53 -14.23 -22.02
CA TYR B 185 4.86 -14.00 -22.63
C TYR B 185 5.21 -15.20 -23.52
N ASN B 186 4.52 -15.33 -24.65
CA ASN B 186 4.81 -16.42 -25.58
C ASN B 186 4.82 -15.86 -27.00
N ALA B 187 6.02 -15.78 -27.62
CA ALA B 187 6.15 -15.14 -28.93
C ALA B 187 5.28 -15.78 -30.01
N ASP B 188 5.12 -17.10 -30.01
CA ASP B 188 4.30 -17.75 -31.03
C ASP B 188 2.84 -17.36 -30.84
N GLU B 189 2.42 -17.23 -29.58
CA GLU B 189 1.04 -16.84 -29.33
C GLU B 189 0.81 -15.40 -29.74
N VAL B 190 1.75 -14.51 -29.41
CA VAL B 190 1.55 -13.12 -29.82
C VAL B 190 1.58 -12.99 -31.33
N ARG B 191 2.40 -13.76 -32.02
CA ARG B 191 2.38 -13.60 -33.49
C ARG B 191 1.06 -14.04 -34.09
N ALA B 192 0.50 -15.10 -33.56
CA ALA B 192 -0.80 -15.59 -34.07
C ALA B 192 -1.90 -14.59 -33.76
N LYS B 193 -1.90 -14.03 -32.54
CA LYS B 193 -2.93 -13.07 -32.17
C LYS B 193 -2.71 -11.73 -32.88
N LEU B 194 -1.46 -11.36 -33.17
CA LEU B 194 -1.20 -10.15 -33.95
C LEU B 194 -1.84 -10.28 -35.34
N ALA B 195 -1.69 -11.45 -35.97
CA ALA B 195 -2.31 -11.63 -37.27
C ALA B 195 -3.82 -11.47 -37.18
N GLN B 196 -4.41 -12.00 -36.12
CA GLN B 196 -5.87 -11.83 -36.00
C GLN B 196 -6.24 -10.35 -35.78
N PHE B 197 -5.44 -9.67 -34.96
CA PHE B 197 -5.65 -8.25 -34.75
C PHE B 197 -5.60 -7.46 -36.06
N LYS B 198 -4.62 -7.76 -36.92
CA LYS B 198 -4.57 -7.05 -38.21
C LYS B 198 -5.84 -7.26 -39.00
N GLU B 199 -6.33 -8.50 -39.02
CA GLU B 199 -7.58 -8.79 -39.72
C GLU B 199 -8.77 -8.05 -39.09
N SER B 200 -8.90 -8.10 -37.77
CA SER B 200 -10.07 -7.46 -37.16
C SER B 200 -10.03 -5.94 -37.29
N SER B 201 -8.86 -5.30 -37.11
CA SER B 201 -8.68 -3.84 -37.23
C SER B 201 -9.01 -3.36 -38.66
N THR B 202 -8.47 -4.09 -39.63
CA THR B 202 -8.73 -3.77 -41.04
C THR B 202 -10.21 -3.83 -41.31
N TRP B 203 -10.85 -4.91 -40.87
CA TRP B 203 -12.29 -5.08 -41.09
C TRP B 203 -13.06 -3.94 -40.43
N LEU B 204 -12.72 -3.61 -39.19
CA LEU B 204 -13.42 -2.55 -38.48
C LEU B 204 -13.25 -1.20 -39.17
N MET B 205 -12.02 -0.86 -39.62
CA MET B 205 -11.85 0.43 -40.27
C MET B 205 -12.63 0.49 -41.58
N GLN B 206 -12.67 -0.62 -42.31
CA GLN B 206 -13.49 -0.67 -43.53
C GLN B 206 -14.97 -0.51 -43.21
N GLN B 207 -15.47 -1.29 -42.25
CA GLN B 207 -16.92 -1.22 -41.99
C GLN B 207 -17.34 0.13 -41.44
N ALA B 208 -16.50 0.79 -40.65
CA ALA B 208 -16.85 2.04 -40.01
C ALA B 208 -16.40 3.27 -40.82
N ASN B 209 -15.90 3.07 -42.04
CA ASN B 209 -15.47 4.21 -42.87
C ASN B 209 -14.37 5.02 -42.20
N LEU B 210 -13.47 4.35 -41.49
CA LEU B 210 -12.36 5.05 -40.87
C LEU B 210 -11.19 5.18 -41.83
N LYS B 211 -10.41 6.22 -41.65
CA LYS B 211 -9.24 6.51 -42.50
C LYS B 211 -7.98 6.02 -41.81
N ARG B 212 -7.32 5.06 -42.46
CA ARG B 212 -6.11 4.44 -41.90
C ARG B 212 -5.15 5.47 -41.35
N GLU B 213 -4.94 6.58 -42.08
CA GLU B 213 -3.93 7.56 -41.70
C GLU B 213 -4.28 8.35 -40.44
N GLU B 214 -5.51 8.24 -39.96
CA GLU B 214 -5.92 8.95 -38.76
C GLU B 214 -5.98 8.02 -37.56
N ILE B 215 -5.68 6.74 -37.75
CA ILE B 215 -5.72 5.77 -36.67
C ILE B 215 -4.31 5.32 -36.31
N THR B 216 -4.01 5.30 -35.00
CA THR B 216 -2.80 4.69 -34.46
C THR B 216 -3.13 3.25 -34.05
N LEU B 217 -2.53 2.27 -34.70
CA LEU B 217 -2.67 0.87 -34.30
C LEU B 217 -1.59 0.54 -33.27
N HIS B 218 -2.00 0.00 -32.13
CA HIS B 218 -1.03 -0.29 -31.06
C HIS B 218 -1.42 -1.52 -30.25
N VAL B 219 -0.46 -2.42 -30.03
CA VAL B 219 -0.76 -3.66 -29.33
C VAL B 219 0.29 -4.07 -28.30
N ALA B 220 1.48 -3.46 -28.33
CA ALA B 220 2.63 -4.03 -27.62
C ALA B 220 2.88 -3.41 -26.26
N ASN B 221 2.85 -4.25 -25.20
CA ASN B 221 3.44 -3.95 -23.89
C ASN B 221 4.97 -4.15 -23.97
N SER B 222 5.65 -4.07 -22.80
CA SER B 222 7.12 -4.14 -22.83
C SER B 222 7.57 -5.45 -23.43
N TYR B 223 7.01 -6.58 -22.97
CA TYR B 223 7.41 -7.89 -23.47
C TYR B 223 7.28 -7.94 -24.97
N THR B 224 6.11 -7.55 -25.47
CA THR B 224 5.81 -7.71 -26.90
C THR B 224 6.69 -6.80 -27.72
N ALA B 225 6.91 -5.56 -27.28
CA ALA B 225 7.70 -4.61 -28.05
C ALA B 225 9.10 -5.12 -28.30
N LEU B 226 9.72 -5.76 -27.29
CA LEU B 226 11.09 -6.24 -27.39
C LEU B 226 11.22 -7.62 -28.02
N ASN B 227 10.27 -8.52 -27.79
CA ASN B 227 10.42 -9.93 -28.16
C ASN B 227 9.61 -10.32 -29.37
N VAL B 228 8.72 -9.44 -29.86
CA VAL B 228 8.02 -9.65 -31.12
C VAL B 228 8.07 -8.36 -31.93
N PRO B 229 9.19 -8.00 -32.55
CA PRO B 229 9.31 -6.65 -33.14
C PRO B 229 8.28 -6.31 -34.21
N GLU B 230 7.75 -7.30 -34.92
CA GLU B 230 6.72 -7.04 -35.92
C GLU B 230 5.42 -6.55 -35.29
N ALA B 231 5.29 -6.63 -33.99
CA ALA B 231 4.12 -6.09 -33.32
C ALA B 231 4.28 -4.64 -32.89
N GLN B 232 5.38 -3.97 -33.25
CA GLN B 232 5.52 -2.57 -32.84
C GLN B 232 4.47 -1.67 -33.49
N LEU B 233 4.08 -1.95 -34.75
CA LEU B 233 3.01 -1.21 -35.45
C LEU B 233 3.24 0.30 -35.32
N ASP B 234 2.20 1.08 -35.05
CA ASP B 234 2.36 2.52 -35.05
C ASP B 234 2.83 3.08 -33.72
N MET B 235 2.60 2.37 -32.63
CA MET B 235 2.96 2.87 -31.31
C MET B 235 3.09 1.69 -30.39
N VAL B 236 4.05 1.78 -29.45
CA VAL B 236 4.23 0.77 -28.39
C VAL B 236 3.88 1.39 -27.04
N ARG B 237 3.55 0.51 -26.09
CA ARG B 237 3.09 0.92 -24.77
C ARG B 237 3.96 0.30 -23.66
N PRO B 238 5.24 0.67 -23.55
CA PRO B 238 6.06 0.11 -22.47
C PRO B 238 5.77 0.73 -21.12
N GLY B 239 5.56 -0.11 -20.10
CA GLY B 239 5.59 0.33 -18.70
C GLY B 239 6.77 -0.29 -17.97
N GLY B 240 6.54 -1.54 -17.55
CA GLY B 240 7.46 -2.24 -16.68
C GLY B 240 8.93 -2.17 -17.08
N VAL B 241 9.24 -2.33 -18.38
CA VAL B 241 10.65 -2.37 -18.76
C VAL B 241 11.35 -1.02 -18.49
N LEU B 242 10.62 0.10 -18.64
CA LEU B 242 11.25 1.39 -18.37
C LEU B 242 11.70 1.47 -16.91
N PHE B 243 10.90 0.91 -16.01
CA PHE B 243 11.19 0.93 -14.58
C PHE B 243 12.10 -0.22 -14.15
N GLY B 244 12.52 -1.06 -15.10
CA GLY B 244 13.38 -2.21 -14.83
C GLY B 244 12.69 -3.44 -14.24
N ASP B 245 11.44 -3.67 -14.61
CA ASP B 245 10.68 -4.88 -14.23
C ASP B 245 10.11 -5.60 -15.46
N LEU B 246 10.97 -6.23 -16.24
CA LEU B 246 10.51 -7.14 -17.28
C LEU B 246 11.22 -8.47 -17.12
N PRO B 247 10.55 -9.49 -16.58
CA PRO B 247 11.27 -10.73 -16.19
C PRO B 247 12.00 -11.42 -17.34
N THR B 248 11.49 -11.29 -18.58
CA THR B 248 12.09 -11.93 -19.74
C THR B 248 13.35 -11.21 -20.18
N ASN B 249 13.53 -9.96 -19.72
CA ASN B 249 14.60 -9.09 -20.22
C ASN B 249 15.31 -8.47 -19.01
N PRO B 250 16.16 -9.24 -18.33
CA PRO B 250 16.82 -8.74 -17.13
C PRO B 250 17.83 -7.70 -17.44
N GLU B 251 18.17 -7.39 -18.69
CA GLU B 251 19.08 -6.31 -19.02
C GLU B 251 18.53 -4.90 -18.70
N TYR B 252 17.33 -4.72 -18.15
CA TYR B 252 16.84 -3.45 -17.60
C TYR B 252 16.75 -3.52 -16.08
N PRO B 253 17.74 -3.06 -15.34
CA PRO B 253 17.71 -3.16 -13.88
C PRO B 253 16.63 -2.28 -13.27
N SER B 254 16.10 -2.73 -12.12
CA SER B 254 15.08 -1.94 -11.42
C SER B 254 15.63 -0.56 -11.00
N ILE B 255 14.75 0.46 -11.10
CA ILE B 255 15.14 1.82 -10.72
C ILE B 255 14.86 2.12 -9.24
N VAL B 256 14.24 1.20 -8.50
CA VAL B 256 13.80 1.46 -7.13
C VAL B 256 14.63 0.67 -6.12
N SER B 257 14.92 1.32 -4.99
CA SER B 257 15.49 0.70 -3.80
C SER B 257 14.56 1.04 -2.63
N PHE B 258 14.35 0.08 -1.71
CA PHE B 258 13.52 0.28 -0.53
C PHE B 258 14.44 0.21 0.67
N LYS B 259 14.45 1.27 1.49
CA LYS B 259 15.42 1.41 2.57
C LYS B 259 14.79 1.76 3.92
N THR B 260 15.49 1.42 5.00
CA THR B 260 15.07 1.80 6.37
C THR B 260 16.37 2.09 7.13
N ARG B 261 16.33 2.25 8.45
CA ARG B 261 17.61 2.44 9.20
C ARG B 261 17.61 1.55 10.44
N VAL B 262 18.78 1.31 11.03
CA VAL B 262 18.82 0.55 12.31
C VAL B 262 18.37 1.51 13.41
N SER B 263 17.25 1.24 14.09
CA SER B 263 16.88 2.13 15.18
C SER B 263 17.61 1.79 16.48
N SER B 264 17.75 0.57 16.79
CA SER B 264 18.24 0.16 18.09
C SER B 264 18.75 -1.27 18.01
N LEU B 265 19.71 -1.66 18.89
CA LEU B 265 20.38 -2.96 18.93
C LEU B 265 20.13 -3.59 20.30
N HIS B 266 19.57 -4.79 20.31
CA HIS B 266 19.07 -5.42 21.53
C HIS B 266 19.78 -6.74 21.75
N HIS B 267 20.26 -6.93 22.98
CA HIS B 267 20.91 -8.18 23.41
C HIS B 267 19.86 -9.13 23.98
N LEU B 268 19.80 -10.34 23.42
CA LEU B 268 18.84 -11.36 23.83
C LEU B 268 19.53 -12.69 24.13
N PRO B 269 19.25 -13.29 25.28
CA PRO B 269 19.88 -14.57 25.59
C PRO B 269 19.31 -15.69 24.73
N LYS B 270 20.01 -16.82 24.71
CA LYS B 270 19.54 -18.08 24.15
C LYS B 270 18.11 -18.38 24.64
N ASP B 271 17.28 -19.02 23.81
CA ASP B 271 15.90 -19.44 24.14
C ASP B 271 14.93 -18.27 24.35
N SER B 272 15.15 -17.18 23.62
CA SER B 272 14.20 -16.08 23.67
C SER B 272 13.38 -16.05 22.40
N THR B 273 12.07 -15.88 22.61
CA THR B 273 11.13 -15.81 21.49
C THR B 273 11.16 -14.41 20.87
N VAL B 274 10.84 -14.34 19.57
CA VAL B 274 10.73 -13.07 18.85
C VAL B 274 9.43 -13.05 18.06
N GLY B 275 8.66 -11.97 18.22
CA GLY B 275 7.57 -11.64 17.33
C GLY B 275 6.26 -12.28 17.69
N TYR B 276 5.25 -11.83 17.00
CA TYR B 276 3.92 -12.41 17.26
C TYR B 276 3.95 -13.92 16.93
N ASP B 277 3.23 -14.71 17.70
CA ASP B 277 3.17 -16.18 17.46
C ASP B 277 4.45 -16.89 17.89
N SER B 278 5.44 -16.14 18.36
CA SER B 278 6.70 -16.74 18.84
C SER B 278 7.23 -17.74 17.81
N THR B 279 7.29 -17.34 16.53
CA THR B 279 7.65 -18.25 15.45
C THR B 279 9.14 -18.48 15.36
N PHE B 280 9.93 -17.72 16.11
CA PHE B 280 11.37 -17.84 16.13
C PHE B 280 11.82 -17.81 17.58
N THR B 281 12.83 -18.63 17.89
CA THR B 281 13.41 -18.66 19.23
C THR B 281 14.93 -18.67 19.09
N THR B 282 15.63 -17.78 19.78
CA THR B 282 17.09 -17.77 19.64
C THR B 282 17.67 -19.09 20.15
N SER B 283 18.71 -19.55 19.47
CA SER B 283 19.46 -20.77 19.78
C SER B 283 20.78 -20.44 20.43
N ARG B 284 21.06 -19.14 20.65
CA ARG B 284 22.35 -18.64 21.10
C ARG B 284 22.14 -17.23 21.62
N ASP B 285 23.09 -16.75 22.41
CA ASP B 285 23.06 -15.34 22.78
C ASP B 285 23.17 -14.51 21.51
N SER B 286 22.27 -13.54 21.37
CA SER B 286 21.99 -12.85 20.12
C SER B 286 22.13 -11.34 20.23
N VAL B 287 22.41 -10.66 19.11
CA VAL B 287 22.20 -9.21 18.98
C VAL B 287 21.21 -9.03 17.85
N LEU B 288 20.07 -8.40 18.16
CA LEU B 288 19.02 -8.17 17.19
C LEU B 288 18.92 -6.69 16.82
N ALA B 289 18.83 -6.39 15.54
CA ALA B 289 18.59 -5.03 15.07
C ALA B 289 17.10 -4.79 14.90
N ASN B 290 16.63 -3.73 15.53
CA ASN B 290 15.23 -3.32 15.48
C ASN B 290 15.10 -2.26 14.39
N LEU B 291 14.28 -2.55 13.34
CA LEU B 291 14.10 -1.62 12.23
C LEU B 291 12.69 -1.07 12.25
N PRO B 292 12.49 0.25 12.07
CA PRO B 292 11.15 0.85 12.14
C PRO B 292 10.39 0.75 10.80
N VAL B 293 10.37 -0.47 10.22
CA VAL B 293 9.59 -0.78 9.01
C VAL B 293 8.77 -2.03 9.30
N GLY B 294 7.55 -2.08 8.75
CA GLY B 294 6.72 -3.26 8.87
C GLY B 294 5.75 -3.41 7.73
N TYR B 295 4.71 -4.23 7.93
CA TYR B 295 3.83 -4.51 6.79
C TYR B 295 2.97 -3.32 6.43
N SER B 296 2.77 -2.34 7.34
CA SER B 296 2.08 -1.10 7.01
C SER B 296 2.87 -0.20 6.05
N ASP B 297 4.17 -0.46 5.90
CA ASP B 297 5.03 0.23 4.94
C ASP B 297 5.19 -0.55 3.67
N GLY B 298 4.60 -1.74 3.59
CA GLY B 298 4.73 -2.60 2.43
C GLY B 298 5.81 -3.66 2.54
N TYR B 299 6.35 -3.95 3.77
CA TYR B 299 7.28 -5.07 3.95
C TYR B 299 6.49 -6.25 4.53
N PRO B 300 6.12 -7.26 3.75
CA PRO B 300 5.08 -8.19 4.20
C PRO B 300 5.43 -9.03 5.43
N ARG B 301 4.37 -9.48 6.10
CA ARG B 301 4.51 -10.42 7.21
C ARG B 301 5.28 -11.67 6.83
N LYS B 302 5.08 -12.16 5.61
CA LYS B 302 5.75 -13.39 5.17
C LYS B 302 7.25 -13.24 5.04
N MET B 303 7.80 -12.02 5.05
CA MET B 303 9.26 -11.87 5.02
C MET B 303 9.93 -12.51 6.24
N GLY B 304 9.26 -12.52 7.38
CA GLY B 304 9.85 -13.02 8.61
C GLY B 304 10.26 -14.49 8.50
N ASN B 305 11.46 -14.80 8.99
CA ASN B 305 12.08 -16.12 9.00
C ASN B 305 12.45 -16.58 7.62
N LYS B 306 12.40 -15.69 6.65
CA LYS B 306 12.72 -16.12 5.27
C LYS B 306 13.68 -15.13 4.59
N ALA B 307 13.37 -13.84 4.64
CA ALA B 307 14.11 -12.81 3.91
C ALA B 307 15.42 -12.45 4.60
N GLU B 308 16.32 -11.88 3.79
CA GLU B 308 17.49 -11.21 4.31
C GLU B 308 17.43 -9.75 3.89
N VAL B 309 18.03 -8.89 4.71
CA VAL B 309 18.23 -7.48 4.42
C VAL B 309 19.75 -7.23 4.37
N LEU B 310 20.13 -6.05 3.87
CA LEU B 310 21.56 -5.69 3.80
C LEU B 310 21.86 -4.59 4.81
N ILE B 311 22.84 -4.85 5.72
CA ILE B 311 23.29 -3.87 6.70
C ILE B 311 24.79 -3.84 6.72
N ASN B 312 25.38 -2.63 6.64
CA ASN B 312 26.83 -2.47 6.62
C ASN B 312 27.50 -3.42 5.63
N GLY B 313 26.86 -3.57 4.48
CA GLY B 313 27.33 -4.37 3.37
C GLY B 313 27.21 -5.87 3.55
N GLN B 314 26.40 -6.36 4.51
CA GLN B 314 26.31 -7.78 4.79
C GLN B 314 24.86 -8.25 4.85
N ARG B 315 24.61 -9.51 4.47
CA ARG B 315 23.26 -10.05 4.54
C ARG B 315 22.93 -10.47 5.97
N ALA B 316 21.73 -10.09 6.44
CA ALA B 316 21.27 -10.43 7.77
C ALA B 316 19.83 -10.94 7.72
N LYS B 317 19.54 -12.00 8.48
CA LYS B 317 18.24 -12.70 8.43
C LYS B 317 17.16 -11.99 9.25
N VAL B 318 16.01 -11.84 8.63
CA VAL B 318 14.80 -11.33 9.31
C VAL B 318 14.23 -12.46 10.15
N VAL B 319 14.05 -12.22 11.45
CA VAL B 319 13.60 -13.26 12.37
C VAL B 319 12.29 -12.87 13.06
N GLY B 320 11.40 -13.84 13.23
CA GLY B 320 10.06 -13.53 13.70
C GLY B 320 9.20 -12.95 12.58
N VAL B 321 7.87 -13.02 12.77
CA VAL B 321 6.99 -12.43 11.76
C VAL B 321 7.08 -10.91 11.79
N THR B 322 6.93 -10.27 10.62
CA THR B 322 6.94 -8.81 10.58
C THR B 322 5.78 -8.24 11.37
N SER B 323 6.04 -7.19 12.19
CA SER B 323 4.93 -6.49 12.88
C SER B 323 4.38 -5.40 11.96
N MET B 324 3.33 -4.70 12.39
CA MET B 324 2.77 -3.64 11.57
C MET B 324 3.78 -2.55 11.25
N ASN B 325 4.65 -2.23 12.19
CA ASN B 325 5.56 -1.11 12.07
C ASN B 325 7.02 -1.40 12.31
N THR B 326 7.39 -2.65 12.67
CA THR B 326 8.73 -3.00 13.12
C THR B 326 9.13 -4.36 12.60
N THR B 327 10.42 -4.48 12.26
CA THR B 327 11.04 -5.72 11.80
C THR B 327 12.28 -5.94 12.65
N VAL B 328 12.55 -7.20 12.98
CA VAL B 328 13.70 -7.58 13.81
C VAL B 328 14.64 -8.44 12.97
N VAL B 329 15.93 -8.15 13.04
CA VAL B 329 16.92 -8.82 12.19
C VAL B 329 18.07 -9.33 13.07
N ASP B 330 18.54 -10.53 12.80
CA ASP B 330 19.64 -11.14 13.58
C ASP B 330 20.98 -10.61 13.08
N VAL B 331 21.66 -9.78 13.87
CA VAL B 331 22.98 -9.24 13.45
C VAL B 331 24.11 -9.79 14.32
N THR B 332 23.87 -10.92 14.97
CA THR B 332 24.84 -11.52 15.88
C THR B 332 26.21 -11.71 15.24
N GLU B 333 26.24 -12.15 13.99
CA GLU B 333 27.50 -12.43 13.29
C GLU B 333 27.79 -11.40 12.19
N ILE B 334 27.20 -10.23 12.27
CA ILE B 334 27.43 -9.13 11.33
C ILE B 334 28.34 -8.11 11.98
N LYS B 335 29.49 -7.78 11.36
CA LYS B 335 30.41 -6.86 12.03
C LYS B 335 30.17 -5.37 11.78
N GLY B 336 30.47 -4.54 12.79
CA GLY B 336 30.40 -3.13 12.51
C GLY B 336 29.04 -2.47 12.60
N VAL B 337 27.99 -3.19 13.01
CA VAL B 337 26.63 -2.62 12.99
C VAL B 337 26.39 -1.64 14.11
N LEU B 338 25.80 -0.49 13.78
CA LEU B 338 25.50 0.54 14.76
C LEU B 338 24.12 1.11 14.48
N PRO B 339 23.44 1.64 15.51
CA PRO B 339 22.19 2.36 15.26
C PRO B 339 22.46 3.50 14.27
N GLY B 340 21.49 3.75 13.40
CA GLY B 340 21.54 4.78 12.40
C GLY B 340 22.04 4.32 11.04
N GLN B 341 22.64 3.12 10.95
CA GLN B 341 23.11 2.62 9.66
C GLN B 341 21.95 2.30 8.72
N GLU B 342 22.17 2.55 7.43
CA GLU B 342 21.17 2.30 6.41
C GLU B 342 20.98 0.80 6.19
N VAL B 343 19.73 0.40 5.99
CA VAL B 343 19.38 -0.98 5.73
C VAL B 343 18.69 -1.03 4.37
N VAL B 344 19.14 -1.90 3.49
CA VAL B 344 18.47 -2.10 2.21
C VAL B 344 17.55 -3.31 2.31
N LEU B 345 16.25 -3.05 2.09
CA LEU B 345 15.20 -4.07 2.04
C LEU B 345 15.05 -4.67 0.65
N PHE B 346 15.26 -3.87 -0.37
CA PHE B 346 15.28 -4.32 -1.76
C PHE B 346 16.25 -3.43 -2.51
N GLY B 347 17.19 -4.05 -3.24
CA GLY B 347 18.12 -3.21 -3.95
C GLY B 347 19.53 -3.66 -3.67
N GLN B 348 20.46 -2.73 -3.87
CA GLN B 348 21.86 -3.06 -3.71
C GLN B 348 22.45 -2.26 -2.55
N GLN B 349 23.47 -2.84 -1.95
CA GLN B 349 24.25 -2.16 -0.92
C GLN B 349 25.63 -2.79 -1.03
N GLN B 350 26.58 -1.96 -1.41
CA GLN B 350 27.97 -2.40 -1.69
C GLN B 350 27.87 -3.45 -2.78
N LYS B 351 28.41 -4.64 -2.52
CA LYS B 351 28.38 -5.69 -3.56
C LYS B 351 27.13 -6.58 -3.50
N GLN B 352 26.31 -6.53 -2.46
CA GLN B 352 25.23 -7.47 -2.30
C GLN B 352 24.01 -6.78 -2.87
N SER B 353 23.05 -7.62 -3.28
CA SER B 353 21.84 -7.10 -3.87
C SER B 353 20.77 -8.10 -3.49
N ILE B 354 19.61 -7.58 -3.11
CA ILE B 354 18.44 -8.42 -2.89
C ILE B 354 17.74 -8.44 -4.23
N ALA B 355 17.67 -9.63 -4.82
CA ALA B 355 17.09 -9.85 -6.15
C ALA B 355 15.59 -9.79 -6.17
N VAL B 356 15.05 -9.45 -7.35
CA VAL B 356 13.60 -9.52 -7.51
C VAL B 356 13.08 -10.91 -7.17
N SER B 357 13.77 -11.97 -7.60
CA SER B 357 13.28 -13.32 -7.30
C SER B 357 13.22 -13.60 -5.81
N GLU B 358 14.16 -13.08 -5.02
CA GLU B 358 14.06 -13.24 -3.56
C GLU B 358 12.80 -12.59 -3.03
N MET B 359 12.56 -11.34 -3.42
CA MET B 359 11.36 -10.64 -2.96
C MET B 359 10.13 -11.46 -3.28
N GLU B 360 10.02 -11.88 -4.54
CA GLU B 360 8.81 -12.60 -4.95
C GLU B 360 8.67 -13.90 -4.20
N ASN B 361 9.76 -14.67 -4.08
CA ASN B 361 9.68 -15.94 -3.40
C ASN B 361 9.39 -15.77 -1.92
N ASN B 362 10.03 -14.79 -1.28
CA ASN B 362 9.82 -14.57 0.15
C ASN B 362 8.44 -13.99 0.45
N ALA B 363 8.00 -12.99 -0.32
CA ALA B 363 6.70 -12.39 -0.06
C ALA B 363 5.54 -13.23 -0.57
N GLU B 364 5.80 -14.14 -1.52
CA GLU B 364 4.71 -14.86 -2.23
C GLU B 364 3.79 -13.87 -2.95
N LEU B 365 4.43 -12.95 -3.69
CA LEU B 365 3.73 -11.95 -4.48
C LEU B 365 4.49 -11.77 -5.78
N ILE B 366 3.87 -11.20 -6.79
CA ILE B 366 4.68 -10.78 -7.94
C ILE B 366 5.25 -9.39 -7.63
N PHE B 367 6.39 -9.05 -8.23
CA PHE B 367 7.12 -7.83 -7.88
C PHE B 367 6.26 -6.56 -7.91
N PRO B 368 5.43 -6.32 -8.92
CA PRO B 368 4.63 -5.07 -8.92
C PRO B 368 3.62 -4.99 -7.78
N GLU B 369 3.18 -6.14 -7.23
CA GLU B 369 2.31 -6.06 -6.06
C GLU B 369 3.02 -5.41 -4.89
N LEU B 370 4.33 -5.64 -4.77
CA LEU B 370 5.14 -4.97 -3.75
C LEU B 370 5.38 -3.49 -4.07
N TYR B 371 5.93 -3.20 -5.25
CA TYR B 371 6.44 -1.85 -5.45
C TYR B 371 5.33 -0.83 -5.67
N THR B 372 4.15 -1.22 -6.17
CA THR B 372 3.10 -0.21 -6.31
C THR B 372 2.63 0.26 -4.93
N LEU B 373 2.56 -0.65 -3.96
CA LEU B 373 2.17 -0.26 -2.61
C LEU B 373 3.35 0.34 -1.81
N TRP B 374 4.60 -0.04 -2.14
CA TRP B 374 5.70 0.74 -1.57
C TRP B 374 5.51 2.21 -1.89
N GLY B 375 5.11 2.49 -3.15
CA GLY B 375 5.01 3.86 -3.60
C GLY B 375 3.89 4.68 -3.01
N THR B 376 2.78 4.05 -2.61
CA THR B 376 1.74 4.80 -1.92
C THR B 376 2.02 4.98 -0.43
N SER B 377 3.00 4.25 0.11
N SER B 377 2.90 4.24 0.15
CA SER B 377 3.11 4.20 1.56
CA SER B 377 3.01 4.20 1.60
C SER B 377 4.44 4.68 2.09
C SER B 377 4.36 4.67 2.12
N ASN B 378 5.30 5.25 1.24
CA ASN B 378 6.62 5.71 1.65
C ASN B 378 7.00 6.90 0.78
N PRO B 379 7.78 7.85 1.29
CA PRO B 379 8.25 8.92 0.41
C PRO B 379 9.27 8.40 -0.58
N ARG B 380 9.33 9.09 -1.72
CA ARG B 380 10.30 8.78 -2.77
C ARG B 380 11.35 9.87 -2.79
N PHE B 381 12.63 9.47 -2.89
CA PHE B 381 13.77 10.40 -3.03
C PHE B 381 14.46 10.10 -4.36
N TYR B 382 14.72 11.13 -5.15
CA TYR B 382 15.29 10.98 -6.50
C TYR B 382 16.80 11.21 -6.50
N VAL B 383 17.50 10.28 -7.10
CA VAL B 383 18.98 10.35 -7.20
C VAL B 383 19.40 10.49 -8.67
N LYS B 384 20.28 11.43 -8.92
CA LYS B 384 20.83 11.51 -10.28
C LYS B 384 22.32 11.83 -10.16
N GLU B 385 23.05 11.20 -11.04
CA GLU B 385 24.49 11.41 -11.20
C GLU B 385 24.76 12.59 -12.14
N ASN B 386 25.95 13.17 -11.97
CA ASN B 386 26.41 14.34 -12.78
C ASN B 386 27.95 14.24 -12.75
N LEU B 387 28.63 15.04 -13.58
CA LEU B 387 30.11 15.03 -13.65
C LEU B 387 30.68 16.16 -12.81
N TYR B 388 31.70 15.86 -12.02
CA TYR B 388 32.42 16.90 -11.23
C TYR B 388 33.74 17.22 -11.94
#